data_1K9F
#
_entry.id   1K9F
#
_cell.length_a   73.558
_cell.length_b   73.558
_cell.length_c   330.010
_cell.angle_alpha   90.00
_cell.angle_beta   90.00
_cell.angle_gamma   90.00
#
_symmetry.space_group_name_H-M   'P 41 21 2'
#
loop_
_entity.id
_entity.type
_entity.pdbx_description
1 polymer alpha-D-glucuronidase
2 branched '4-O-methyl-alpha-D-glucopyranuronic acid-(1-2)-beta-D-xylopyranose-(1-4)-beta-D-xylopyranose'
3 non-polymer GLYCEROL
4 water water
#
_entity_poly.entity_id   1
_entity_poly.type   'polypeptide(L)'
_entity_poly.pdbx_seq_one_letter_code
;MTAGYEPCWLRYERKDQYSRLRFEEIVAKRTSPIFQAVVEELQKGLRSMMEIEPQVVQEVNETANSIWLGTLEDEEFERP
LEGTLVHPEGYVIRSDVDDGPFRIYIIGKTDAGVLYGVFHFLRLLQMGENIAQLSIIEQPKNRLRMINHWDNMDGSIERG
YAGRSIFFVDDQFVKQNQRIKDYARLLASVGINAISINNVNVHKTETKLITDHFLPDVAEVADIFRTYGIKTFLSINYAS
PIEIGGLPTADPLDPEVRRWWKETAKRIYQYIPDFGGFVVKADSNFRPGPFTYGRDHAEGANMLAEALAPFGGLVIWRCF
VYNCQQDWRDRTTDRAKAAYDHFKPLDGQFRENVILQIKNGPMDFQVREPVSPLFGAMPKTNQMMEVQITQEYTGQQKHL
CFLIPQWKEVLDFDTYAKGKGSEVKKVIDGSLFDYRYSGIAGVSNIGSDPNWTGHTLAQANLYGFGRLAWNPDLSAEEIA
NEWVVQTFGDDSQVVETISWMLLSSWRIYENYTSPLGVGWMVNPGHHYGPNVDGYEYSHWGTYHYADRDGIGVDRTVATG
TGYTAQYFPENAAMYESLDTCPDELLLFFHHVPYTHRLHSGETVIQHIYNTHFEGVEQAKQLRKRWEQLKGKIDEKRYHD
VLERLTIQVEHAKEWRDVINTYFYRKSGIDDQYGRKIYR
;
_entity_poly.pdbx_strand_id   A
#
# COMPACT_ATOMS: atom_id res chain seq x y z
N GLY A 4 19.77 16.46 1.84
CA GLY A 4 18.65 17.09 1.11
C GLY A 4 17.30 16.50 1.49
N TYR A 5 17.33 15.30 2.05
CA TYR A 5 16.10 14.63 2.48
C TYR A 5 16.36 13.76 3.71
N GLU A 6 15.28 13.43 4.42
CA GLU A 6 15.38 12.63 5.64
C GLU A 6 15.65 11.15 5.37
N PRO A 7 16.25 10.46 6.36
CA PRO A 7 16.56 9.03 6.24
C PRO A 7 15.36 8.18 6.63
N CYS A 8 14.27 8.87 6.99
CA CYS A 8 13.04 8.22 7.42
C CYS A 8 13.30 7.26 8.58
N TRP A 9 12.95 5.98 8.45
CA TRP A 9 13.14 5.03 9.54
C TRP A 9 14.51 4.37 9.60
N LEU A 10 15.36 4.66 8.61
CA LEU A 10 16.71 4.10 8.59
C LEU A 10 17.68 5.14 9.13
N ARG A 11 17.43 5.59 10.36
CA ARG A 11 18.26 6.60 10.99
C ARG A 11 19.62 6.09 11.46
N TYR A 12 19.64 4.86 11.97
CA TYR A 12 20.87 4.26 12.48
C TYR A 12 21.52 5.23 13.46
N GLU A 13 20.71 5.73 14.39
CA GLU A 13 21.17 6.67 15.40
C GLU A 13 22.29 6.08 16.25
N ARG A 14 23.31 6.88 16.53
CA ARG A 14 24.45 6.44 17.34
C ARG A 14 23.99 5.98 18.73
N LYS A 15 24.42 4.78 19.13
CA LYS A 15 24.07 4.20 20.41
C LYS A 15 24.98 4.74 21.51
N ASP A 16 24.53 4.65 22.76
CA ASP A 16 25.37 5.10 23.87
C ASP A 16 26.42 4.01 24.10
N GLN A 17 27.35 4.24 25.01
CA GLN A 17 28.42 3.28 25.29
C GLN A 17 27.98 1.95 25.88
N TYR A 18 26.72 1.86 26.30
CA TYR A 18 26.22 0.64 26.93
C TYR A 18 25.32 -0.21 26.03
N SER A 19 25.22 0.17 24.76
CA SER A 19 24.37 -0.55 23.84
C SER A 19 25.08 -0.88 22.54
N ARG A 20 26.36 -1.23 22.63
CA ARG A 20 27.10 -1.54 21.43
C ARG A 20 27.47 -3.01 21.27
N LEU A 21 27.93 -3.35 20.07
CA LEU A 21 28.29 -4.72 19.73
C LEU A 21 29.75 -4.79 19.30
N ARG A 22 30.38 -5.93 19.55
CA ARG A 22 31.78 -6.12 19.18
C ARG A 22 31.88 -7.12 18.02
N PHE A 23 32.23 -6.60 16.85
CA PHE A 23 32.41 -7.41 15.64
C PHE A 23 33.66 -6.96 14.93
N GLU A 24 34.50 -7.90 14.51
CA GLU A 24 35.72 -7.54 13.79
C GLU A 24 35.59 -7.75 12.28
N GLU A 25 34.73 -8.67 11.88
CA GLU A 25 34.58 -8.95 10.46
C GLU A 25 33.17 -9.27 9.98
N ILE A 26 32.96 -9.00 8.69
CA ILE A 26 31.72 -9.29 8.02
C ILE A 26 32.12 -10.31 6.97
N VAL A 27 31.58 -11.52 7.06
CA VAL A 27 31.92 -12.57 6.10
C VAL A 27 30.88 -12.62 4.99
N ALA A 28 31.24 -12.05 3.84
CA ALA A 28 30.34 -12.04 2.69
C ALA A 28 30.76 -13.18 1.77
N LYS A 29 29.96 -14.25 1.77
CA LYS A 29 30.26 -15.43 0.95
C LYS A 29 30.05 -15.27 -0.56
N ARG A 30 29.38 -14.19 -0.97
CA ARG A 30 29.12 -13.96 -2.39
C ARG A 30 29.49 -12.54 -2.83
N THR A 31 29.65 -12.34 -4.14
CA THR A 31 30.04 -11.03 -4.66
C THR A 31 29.04 -10.43 -5.66
N SER A 32 27.81 -10.92 -5.65
CA SER A 32 26.79 -10.42 -6.57
C SER A 32 26.41 -8.98 -6.26
N PRO A 33 25.79 -8.27 -7.22
CA PRO A 33 25.37 -6.88 -7.03
C PRO A 33 24.52 -6.70 -5.77
N ILE A 34 23.64 -7.66 -5.52
CA ILE A 34 22.79 -7.59 -4.34
C ILE A 34 23.67 -7.72 -3.09
N PHE A 35 24.61 -8.66 -3.09
CA PHE A 35 25.47 -8.83 -1.93
C PHE A 35 26.28 -7.56 -1.66
N GLN A 36 26.67 -6.87 -2.72
CA GLN A 36 27.45 -5.64 -2.57
C GLN A 36 26.61 -4.59 -1.82
N ALA A 37 25.34 -4.49 -2.18
CA ALA A 37 24.44 -3.54 -1.55
C ALA A 37 24.17 -3.95 -0.11
N VAL A 38 24.05 -5.25 0.11
CA VAL A 38 23.80 -5.80 1.44
C VAL A 38 24.94 -5.45 2.38
N VAL A 39 26.17 -5.72 1.93
CA VAL A 39 27.35 -5.42 2.74
C VAL A 39 27.45 -3.93 3.04
N GLU A 40 27.29 -3.10 2.02
N GLU A 40 27.29 -3.10 2.02
CA GLU A 40 27.37 -1.66 2.19
CA GLU A 40 27.38 -1.65 2.20
C GLU A 40 26.36 -1.17 3.21
C GLU A 40 26.34 -1.15 3.20
N GLU A 41 25.17 -1.76 3.21
CA GLU A 41 24.11 -1.37 4.13
C GLU A 41 24.48 -1.78 5.56
N LEU A 42 25.07 -2.96 5.70
CA LEU A 42 25.47 -3.44 7.01
C LEU A 42 26.60 -2.55 7.55
N GLN A 43 27.54 -2.18 6.68
CA GLN A 43 28.65 -1.31 7.07
C GLN A 43 28.11 0.05 7.51
N LYS A 44 27.15 0.56 6.75
CA LYS A 44 26.55 1.85 7.04
C LYS A 44 25.86 1.82 8.40
N GLY A 45 25.06 0.79 8.63
CA GLY A 45 24.35 0.68 9.90
C GLY A 45 25.25 0.52 11.10
N LEU A 46 26.24 -0.37 11.00
CA LEU A 46 27.16 -0.62 12.10
C LEU A 46 28.05 0.60 12.40
N ARG A 47 28.47 1.29 11.35
CA ARG A 47 29.32 2.47 11.52
C ARG A 47 28.54 3.58 12.22
N SER A 48 27.33 3.85 11.74
CA SER A 48 26.49 4.90 12.30
C SER A 48 26.00 4.59 13.71
N MET A 49 25.51 3.38 13.93
CA MET A 49 25.00 3.00 15.24
C MET A 49 26.04 2.57 16.28
N MET A 50 26.98 1.71 15.86
N MET A 50 26.98 1.72 15.87
CA MET A 50 27.99 1.15 16.75
CA MET A 50 27.99 1.20 16.79
C MET A 50 29.38 1.79 16.69
C MET A 50 29.39 1.79 16.70
N GLU A 51 29.63 2.63 15.69
CA GLU A 51 30.93 3.26 15.53
C GLU A 51 32.02 2.20 15.32
N ILE A 52 31.69 1.13 14.62
CA ILE A 52 32.67 0.09 14.33
C ILE A 52 32.74 -0.11 12.83
N GLU A 53 33.90 -0.54 12.34
CA GLU A 53 34.09 -0.77 10.92
C GLU A 53 34.75 -2.11 10.69
N PRO A 54 33.97 -3.20 10.83
N PRO A 54 33.97 -3.20 10.83
CA PRO A 54 34.50 -4.55 10.63
CA PRO A 54 34.51 -4.55 10.64
C PRO A 54 35.01 -4.71 9.21
C PRO A 54 35.00 -4.72 9.20
N GLN A 55 36.06 -5.51 9.03
CA GLN A 55 36.61 -5.72 7.70
C GLN A 55 35.74 -6.74 6.96
N VAL A 56 35.54 -6.50 5.67
CA VAL A 56 34.73 -7.39 4.86
C VAL A 56 35.65 -8.47 4.28
N VAL A 57 35.33 -9.73 4.59
CA VAL A 57 36.12 -10.85 4.12
C VAL A 57 35.23 -11.89 3.46
N GLN A 58 35.82 -12.92 2.87
CA GLN A 58 35.06 -13.95 2.19
C GLN A 58 35.13 -15.33 2.85
N GLU A 59 35.90 -15.43 3.92
CA GLU A 59 36.03 -16.68 4.65
C GLU A 59 36.09 -16.36 6.14
N VAL A 60 35.42 -17.20 6.93
CA VAL A 60 35.37 -16.99 8.37
C VAL A 60 36.72 -17.12 9.07
N ASN A 61 36.94 -16.22 10.03
CA ASN A 61 38.15 -16.23 10.85
C ASN A 61 37.69 -16.91 12.13
N GLU A 62 38.21 -18.11 12.36
CA GLU A 62 37.85 -18.92 13.52
C GLU A 62 37.88 -18.20 14.88
N THR A 63 38.70 -17.17 15.01
CA THR A 63 38.80 -16.47 16.28
C THR A 63 38.25 -15.04 16.32
N ALA A 64 37.54 -14.65 15.26
CA ALA A 64 36.98 -13.30 15.21
C ALA A 64 35.48 -13.27 15.43
N ASN A 65 35.01 -12.17 16.03
CA ASN A 65 33.57 -12.01 16.23
C ASN A 65 33.12 -11.59 14.82
N SER A 66 32.15 -12.32 14.28
CA SER A 66 31.73 -12.02 12.92
C SER A 66 30.24 -12.10 12.64
N ILE A 67 29.86 -11.51 11.51
CA ILE A 67 28.50 -11.55 11.01
C ILE A 67 28.70 -12.27 9.68
N TRP A 68 28.08 -13.44 9.54
CA TRP A 68 28.21 -14.28 8.34
C TRP A 68 27.02 -14.06 7.41
N LEU A 69 27.30 -13.77 6.15
CA LEU A 69 26.25 -13.54 5.15
C LEU A 69 26.39 -14.56 4.03
N GLY A 70 25.33 -15.32 3.77
CA GLY A 70 25.39 -16.30 2.71
C GLY A 70 24.10 -17.05 2.49
N THR A 71 24.08 -17.91 1.47
CA THR A 71 22.90 -18.71 1.15
C THR A 71 23.16 -20.14 1.61
N LEU A 72 22.16 -21.01 1.45
CA LEU A 72 22.29 -22.41 1.85
C LEU A 72 23.50 -23.12 1.23
N GLU A 73 23.80 -22.83 -0.03
N GLU A 73 23.78 -22.80 -0.03
CA GLU A 73 24.92 -23.49 -0.68
CA GLU A 73 24.89 -23.40 -0.77
C GLU A 73 26.26 -23.03 -0.13
C GLU A 73 26.26 -22.96 -0.24
N ASP A 74 26.29 -21.83 0.46
CA ASP A 74 27.54 -21.31 1.01
C ASP A 74 27.84 -21.88 2.39
N GLU A 75 26.85 -22.53 2.99
CA GLU A 75 27.01 -23.11 4.32
C GLU A 75 27.97 -24.29 4.38
N GLU A 76 28.68 -24.39 5.50
CA GLU A 76 29.64 -25.47 5.72
C GLU A 76 29.08 -26.47 6.71
N PHE A 77 27.83 -26.87 6.49
CA PHE A 77 27.13 -27.84 7.34
C PHE A 77 25.63 -27.79 7.05
N GLU A 78 25.02 -26.67 7.43
CA GLU A 78 23.58 -26.44 7.26
C GLU A 78 22.78 -27.03 8.41
N ARG A 79 22.31 -26.17 9.29
CA ARG A 79 21.54 -26.59 10.45
C ARG A 79 20.07 -26.84 10.06
N PRO A 80 19.30 -27.49 10.93
CA PRO A 80 17.88 -27.81 10.71
C PRO A 80 16.98 -26.62 10.37
N LEU A 81 17.09 -25.55 11.16
CA LEU A 81 16.26 -24.36 10.96
C LEU A 81 16.25 -23.87 9.52
N GLU A 82 17.41 -23.45 9.02
CA GLU A 82 17.49 -22.96 7.64
C GLU A 82 17.11 -24.05 6.65
N GLY A 83 17.14 -25.30 7.10
CA GLY A 83 16.79 -26.41 6.23
C GLY A 83 15.31 -26.43 5.89
N THR A 84 14.50 -25.78 6.72
CA THR A 84 13.05 -25.71 6.49
C THR A 84 12.65 -24.58 5.55
N LEU A 85 13.62 -23.73 5.20
CA LEU A 85 13.34 -22.61 4.30
C LEU A 85 12.95 -23.13 2.91
N VAL A 86 11.84 -22.64 2.38
CA VAL A 86 11.38 -23.06 1.07
C VAL A 86 11.16 -21.85 0.16
N HIS A 87 10.83 -20.71 0.76
CA HIS A 87 10.59 -19.50 0.00
C HIS A 87 11.92 -18.87 -0.42
N PRO A 88 12.04 -18.47 -1.69
CA PRO A 88 13.26 -17.85 -2.24
C PRO A 88 13.73 -16.61 -1.48
N GLU A 89 12.79 -15.84 -0.97
CA GLU A 89 13.11 -14.62 -0.25
C GLU A 89 13.21 -14.81 1.27
N GLY A 90 13.11 -16.05 1.71
CA GLY A 90 13.17 -16.34 3.14
C GLY A 90 14.59 -16.37 3.68
N TYR A 91 14.72 -16.29 4.99
CA TYR A 91 16.04 -16.30 5.61
C TYR A 91 15.95 -16.74 7.06
N VAL A 92 17.11 -17.02 7.64
CA VAL A 92 17.20 -17.42 9.03
C VAL A 92 18.31 -16.56 9.62
N ILE A 93 18.13 -16.16 10.87
CA ILE A 93 19.15 -15.40 11.58
C ILE A 93 19.35 -16.14 12.88
N ARG A 94 20.58 -16.54 13.16
CA ARG A 94 20.85 -17.24 14.41
C ARG A 94 22.24 -16.97 14.96
N SER A 95 22.32 -16.84 16.27
CA SER A 95 23.59 -16.60 16.95
C SER A 95 24.23 -17.96 17.22
N ASP A 96 25.54 -18.06 17.01
CA ASP A 96 26.23 -19.32 17.25
C ASP A 96 26.09 -19.67 18.73
N VAL A 97 25.64 -20.90 19.01
CA VAL A 97 25.42 -21.35 20.38
C VAL A 97 26.71 -21.76 21.11
N ASP A 98 27.82 -21.84 20.39
CA ASP A 98 29.09 -22.22 21.01
C ASP A 98 29.54 -21.15 22.01
N ASP A 99 30.59 -21.45 22.77
CA ASP A 99 31.09 -20.51 23.77
C ASP A 99 32.32 -19.73 23.31
N GLY A 100 32.65 -19.81 22.03
CA GLY A 100 33.81 -19.09 21.53
C GLY A 100 33.47 -17.69 21.06
N PRO A 101 34.04 -17.25 19.93
CA PRO A 101 33.77 -15.92 19.39
C PRO A 101 32.28 -15.75 19.13
N PHE A 102 31.82 -14.51 19.07
CA PHE A 102 30.41 -14.24 18.81
C PHE A 102 30.21 -14.26 17.30
N ARG A 103 29.24 -15.05 16.85
CA ARG A 103 28.94 -15.16 15.42
C ARG A 103 27.45 -15.07 15.17
N ILE A 104 27.08 -14.24 14.20
CA ILE A 104 25.70 -14.08 13.81
C ILE A 104 25.64 -14.58 12.36
N TYR A 105 24.76 -15.55 12.11
CA TYR A 105 24.61 -16.10 10.77
C TYR A 105 23.33 -15.61 10.14
N ILE A 106 23.44 -14.97 8.97
CA ILE A 106 22.26 -14.51 8.26
C ILE A 106 22.27 -15.37 7.01
N ILE A 107 21.36 -16.35 6.98
CA ILE A 107 21.30 -17.30 5.87
C ILE A 107 20.01 -17.15 5.06
N GLY A 108 20.17 -16.78 3.80
CA GLY A 108 19.01 -16.61 2.94
C GLY A 108 18.89 -17.72 1.91
N LYS A 109 17.67 -17.97 1.44
CA LYS A 109 17.43 -19.00 0.45
C LYS A 109 18.09 -18.56 -0.87
N THR A 110 18.06 -17.25 -1.10
CA THR A 110 18.68 -16.64 -2.27
C THR A 110 19.29 -15.32 -1.81
N ASP A 111 19.95 -14.60 -2.70
CA ASP A 111 20.56 -13.33 -2.35
C ASP A 111 19.55 -12.35 -1.76
N ALA A 112 18.36 -12.30 -2.34
CA ALA A 112 17.32 -11.40 -1.86
C ALA A 112 17.02 -11.72 -0.39
N GLY A 113 17.02 -13.00 -0.06
CA GLY A 113 16.76 -13.43 1.30
C GLY A 113 17.79 -12.85 2.26
N VAL A 114 19.05 -12.81 1.81
CA VAL A 114 20.12 -12.27 2.65
C VAL A 114 19.88 -10.77 2.86
N LEU A 115 19.40 -10.09 1.82
CA LEU A 115 19.12 -8.66 1.91
C LEU A 115 18.04 -8.40 2.97
N TYR A 116 16.92 -9.10 2.88
CA TYR A 116 15.85 -8.90 3.86
C TYR A 116 16.28 -9.33 5.25
N GLY A 117 17.17 -10.31 5.32
CA GLY A 117 17.66 -10.78 6.60
C GLY A 117 18.53 -9.73 7.27
N VAL A 118 19.38 -9.07 6.47
CA VAL A 118 20.26 -8.03 6.99
C VAL A 118 19.42 -6.83 7.46
N PHE A 119 18.40 -6.48 6.69
CA PHE A 119 17.56 -5.37 7.10
C PHE A 119 16.81 -5.71 8.38
N HIS A 120 16.52 -6.99 8.58
CA HIS A 120 15.83 -7.44 9.80
C HIS A 120 16.84 -7.30 10.94
N PHE A 121 18.07 -7.74 10.71
CA PHE A 121 19.12 -7.63 11.73
C PHE A 121 19.31 -6.18 12.12
N LEU A 122 19.39 -5.29 11.14
CA LEU A 122 19.57 -3.86 11.40
C LEU A 122 18.38 -3.28 12.15
N ARG A 123 17.19 -3.81 11.86
CA ARG A 123 15.97 -3.34 12.53
C ARG A 123 16.09 -3.70 14.01
N LEU A 124 16.57 -4.91 14.31
CA LEU A 124 16.75 -5.35 15.69
C LEU A 124 17.72 -4.42 16.42
N LEU A 125 18.80 -4.02 15.74
CA LEU A 125 19.77 -3.12 16.35
C LEU A 125 19.16 -1.74 16.61
N GLN A 126 18.40 -1.22 15.65
CA GLN A 126 17.77 0.08 15.84
C GLN A 126 16.81 0.05 17.01
N MET A 127 16.12 -1.09 17.16
N MET A 127 16.12 -1.08 17.17
CA MET A 127 15.15 -1.28 18.24
CA MET A 127 15.16 -1.22 18.25
C MET A 127 15.80 -1.59 19.58
C MET A 127 15.80 -1.62 19.58
N GLY A 128 17.12 -1.79 19.57
CA GLY A 128 17.83 -2.12 20.80
C GLY A 128 17.54 -3.48 21.38
N GLU A 129 17.25 -4.46 20.52
CA GLU A 129 16.94 -5.81 20.97
C GLU A 129 18.22 -6.57 21.33
N ASN A 130 18.09 -7.50 22.27
CA ASN A 130 19.23 -8.31 22.70
C ASN A 130 19.46 -9.37 21.62
N ILE A 131 20.61 -9.34 20.96
CA ILE A 131 20.88 -10.32 19.90
C ILE A 131 21.84 -11.43 20.34
N ALA A 132 22.02 -11.59 21.65
CA ALA A 132 22.93 -12.61 22.15
C ALA A 132 22.52 -14.04 21.78
N GLN A 133 21.22 -14.30 21.78
N GLN A 133 21.22 -14.30 21.78
CA GLN A 133 20.71 -15.64 21.45
CA GLN A 133 20.71 -15.64 21.45
C GLN A 133 19.60 -15.61 20.41
C GLN A 133 19.60 -15.62 20.41
N LEU A 134 19.92 -15.18 19.20
CA LEU A 134 18.93 -15.12 18.13
C LEU A 134 18.66 -16.46 17.44
N SER A 135 17.38 -16.69 17.13
CA SER A 135 16.95 -17.89 16.43
C SER A 135 15.69 -17.45 15.68
N ILE A 136 15.90 -16.90 14.50
CA ILE A 136 14.83 -16.37 13.68
C ILE A 136 14.70 -17.01 12.30
N ILE A 137 13.46 -17.20 11.87
CA ILE A 137 13.19 -17.73 10.54
C ILE A 137 12.03 -16.88 10.01
N GLU A 138 12.21 -16.32 8.82
CA GLU A 138 11.19 -15.48 8.21
C GLU A 138 11.03 -15.75 6.72
N GLN A 139 9.78 -15.83 6.28
CA GLN A 139 9.46 -16.05 4.88
C GLN A 139 8.26 -15.15 4.61
N PRO A 140 8.31 -14.34 3.53
CA PRO A 140 7.17 -13.46 3.23
C PRO A 140 5.94 -14.25 2.82
N LYS A 141 4.76 -13.74 3.18
CA LYS A 141 3.51 -14.42 2.85
C LYS A 141 3.08 -14.11 1.42
N ASN A 142 3.33 -12.88 0.96
CA ASN A 142 2.94 -12.47 -0.38
C ASN A 142 4.10 -12.47 -1.37
N ARG A 143 3.91 -13.14 -2.51
CA ARG A 143 4.97 -13.21 -3.52
C ARG A 143 5.24 -11.85 -4.14
N LEU A 144 4.17 -11.09 -4.38
CA LEU A 144 4.31 -9.75 -4.93
C LEU A 144 3.99 -8.74 -3.83
N ARG A 145 4.97 -7.88 -3.54
CA ARG A 145 4.86 -6.84 -2.53
C ARG A 145 5.34 -5.63 -3.32
N MET A 146 4.37 -5.01 -3.97
CA MET A 146 4.60 -3.94 -4.92
C MET A 146 4.14 -2.54 -4.60
N ILE A 147 4.78 -1.57 -5.26
CA ILE A 147 4.46 -0.16 -5.14
C ILE A 147 4.11 0.34 -6.54
N ASN A 148 3.02 1.09 -6.64
CA ASN A 148 2.60 1.67 -7.91
C ASN A 148 2.82 3.18 -7.81
N HIS A 149 3.53 3.74 -8.77
CA HIS A 149 3.75 5.17 -8.82
C HIS A 149 2.78 5.81 -9.80
N TRP A 150 2.18 6.94 -9.41
CA TRP A 150 1.26 7.63 -10.30
C TRP A 150 1.97 8.88 -10.86
N ASP A 151 3.29 8.80 -10.89
CA ASP A 151 4.16 9.87 -11.40
C ASP A 151 4.00 10.08 -12.91
N ASN A 152 4.00 11.34 -13.33
CA ASN A 152 3.93 11.68 -14.75
C ASN A 152 5.32 12.19 -15.12
N MET A 153 5.68 12.12 -16.39
CA MET A 153 7.01 12.57 -16.79
C MET A 153 7.23 14.08 -16.82
N ASP A 154 6.17 14.86 -16.64
CA ASP A 154 6.34 16.31 -16.60
C ASP A 154 6.71 16.70 -15.18
N GLY A 155 6.81 15.70 -14.30
CA GLY A 155 7.16 15.96 -12.92
C GLY A 155 6.01 15.88 -11.94
N SER A 156 4.80 16.09 -12.44
CA SER A 156 3.63 16.02 -11.56
C SER A 156 3.37 14.58 -11.16
N ILE A 157 2.61 14.40 -10.08
CA ILE A 157 2.24 13.08 -9.59
C ILE A 157 0.73 13.15 -9.40
N GLU A 158 -0.02 12.29 -10.08
CA GLU A 158 -1.46 12.29 -9.92
C GLU A 158 -1.78 11.85 -8.50
N ARG A 159 -2.52 12.68 -7.79
CA ARG A 159 -2.89 12.41 -6.39
C ARG A 159 -1.62 12.36 -5.53
N GLY A 160 -0.66 13.21 -5.88
CA GLY A 160 0.59 13.28 -5.13
C GLY A 160 0.55 14.48 -4.21
N TYR A 161 0.73 14.25 -2.91
CA TYR A 161 0.67 15.31 -1.92
C TYR A 161 1.98 15.49 -1.16
N ALA A 162 3.05 14.92 -1.70
CA ALA A 162 4.36 14.99 -1.06
C ALA A 162 5.43 15.61 -1.97
N GLY A 163 5.00 16.46 -2.90
CA GLY A 163 5.95 17.09 -3.80
C GLY A 163 5.95 16.47 -5.19
N ARG A 164 6.92 16.85 -6.01
CA ARG A 164 7.02 16.35 -7.37
C ARG A 164 7.71 14.99 -7.50
N SER A 165 7.67 14.44 -8.70
CA SER A 165 8.28 13.15 -8.97
C SER A 165 9.78 13.14 -8.69
N ILE A 166 10.29 12.03 -8.17
CA ILE A 166 11.72 11.93 -7.92
C ILE A 166 12.34 11.18 -9.09
N PHE A 167 11.50 10.73 -10.01
CA PHE A 167 11.94 9.99 -11.20
C PHE A 167 12.04 10.87 -12.45
N PHE A 168 11.03 11.71 -12.66
CA PHE A 168 10.96 12.54 -13.86
C PHE A 168 10.87 14.05 -13.66
N VAL A 169 11.22 14.77 -14.72
CA VAL A 169 11.16 16.22 -14.75
C VAL A 169 11.34 16.64 -16.21
N ASP A 170 10.56 17.61 -16.67
CA ASP A 170 10.64 18.09 -18.04
C ASP A 170 10.57 16.98 -19.09
N ASP A 171 9.67 16.04 -18.89
CA ASP A 171 9.49 14.92 -19.81
C ASP A 171 10.74 14.09 -20.02
N GLN A 172 11.58 14.02 -18.99
CA GLN A 172 12.81 13.26 -19.05
C GLN A 172 13.08 12.68 -17.67
N PHE A 173 14.08 11.80 -17.59
CA PHE A 173 14.45 11.20 -16.32
C PHE A 173 15.37 12.18 -15.59
N VAL A 174 15.29 12.20 -14.26
CA VAL A 174 16.15 13.08 -13.49
C VAL A 174 17.58 12.55 -13.62
N LYS A 175 18.55 13.44 -13.65
CA LYS A 175 19.95 13.05 -13.79
C LYS A 175 20.54 12.57 -12.45
N GLN A 176 19.95 12.99 -11.35
CA GLN A 176 20.42 12.61 -10.02
C GLN A 176 19.76 11.31 -9.57
N ASN A 177 20.54 10.23 -9.52
CA ASN A 177 20.01 8.93 -9.13
C ASN A 177 20.29 8.54 -7.67
N GLN A 178 21.02 9.38 -6.94
CA GLN A 178 21.31 9.05 -5.56
C GLN A 178 20.04 8.90 -4.74
N ARG A 179 19.05 9.76 -5.00
CA ARG A 179 17.81 9.65 -4.23
C ARG A 179 17.06 8.37 -4.59
N ILE A 180 17.23 7.90 -5.82
CA ILE A 180 16.56 6.67 -6.23
C ILE A 180 17.17 5.50 -5.46
N LYS A 181 18.48 5.57 -5.22
CA LYS A 181 19.16 4.51 -4.48
C LYS A 181 18.66 4.50 -3.04
N ASP A 182 18.51 5.67 -2.45
CA ASP A 182 18.04 5.75 -1.07
C ASP A 182 16.58 5.32 -0.97
N TYR A 183 15.82 5.54 -2.04
CA TYR A 183 14.42 5.13 -2.05
C TYR A 183 14.37 3.60 -2.11
N ALA A 184 15.25 3.02 -2.94
CA ALA A 184 15.31 1.57 -3.08
C ALA A 184 15.67 0.95 -1.73
N ARG A 185 16.59 1.60 -1.01
CA ARG A 185 17.00 1.12 0.31
C ARG A 185 15.78 1.10 1.24
N LEU A 186 15.00 2.17 1.22
CA LEU A 186 13.81 2.24 2.07
C LEU A 186 12.82 1.14 1.71
N LEU A 187 12.57 0.97 0.41
CA LEU A 187 11.63 -0.06 -0.03
C LEU A 187 12.10 -1.47 0.36
N ALA A 188 13.39 -1.74 0.12
CA ALA A 188 13.95 -3.05 0.44
C ALA A 188 13.94 -3.32 1.94
N SER A 189 14.14 -2.28 2.74
CA SER A 189 14.17 -2.43 4.19
C SER A 189 12.86 -3.01 4.71
N VAL A 190 11.76 -2.76 4.00
CA VAL A 190 10.47 -3.31 4.40
C VAL A 190 9.97 -4.41 3.47
N GLY A 191 10.91 -5.01 2.74
CA GLY A 191 10.57 -6.12 1.87
C GLY A 191 9.89 -5.91 0.53
N ILE A 192 9.68 -4.65 0.13
CA ILE A 192 9.03 -4.38 -1.14
C ILE A 192 9.95 -4.88 -2.26
N ASN A 193 9.41 -5.72 -3.15
CA ASN A 193 10.19 -6.31 -4.23
C ASN A 193 9.74 -6.04 -5.65
N ALA A 194 8.86 -5.07 -5.84
CA ALA A 194 8.36 -4.76 -7.19
C ALA A 194 7.89 -3.32 -7.23
N ILE A 195 8.07 -2.67 -8.39
CA ILE A 195 7.66 -1.29 -8.53
C ILE A 195 7.36 -0.90 -9.98
N SER A 196 6.29 -0.14 -10.16
CA SER A 196 5.91 0.38 -11.47
C SER A 196 6.21 1.88 -11.30
N ILE A 197 7.11 2.41 -12.12
CA ILE A 197 7.54 3.79 -11.99
C ILE A 197 6.72 4.91 -12.61
N ASN A 198 5.73 4.57 -13.42
CA ASN A 198 4.91 5.60 -14.06
C ASN A 198 3.41 5.40 -13.88
N ASN A 199 2.70 6.53 -13.90
CA ASN A 199 1.26 6.62 -13.74
C ASN A 199 0.47 5.56 -14.54
N VAL A 200 -0.54 4.97 -13.90
CA VAL A 200 -1.37 3.97 -14.58
C VAL A 200 -2.13 4.68 -15.71
N ASN A 201 -2.31 5.99 -15.58
CA ASN A 201 -2.95 6.77 -16.63
C ASN A 201 -1.75 7.20 -17.48
N VAL A 202 -1.45 6.42 -18.52
CA VAL A 202 -0.30 6.68 -19.39
C VAL A 202 -0.58 7.73 -20.45
N HIS A 203 0.08 8.87 -20.33
CA HIS A 203 -0.09 9.97 -21.28
C HIS A 203 0.87 9.92 -22.46
N LYS A 204 0.86 10.96 -23.28
CA LYS A 204 1.68 11.03 -24.49
C LYS A 204 3.14 10.61 -24.36
N THR A 205 3.91 11.35 -23.57
CA THR A 205 5.32 11.05 -23.41
C THR A 205 5.57 9.71 -22.72
N GLU A 206 4.77 9.41 -21.70
CA GLU A 206 4.92 8.17 -20.95
C GLU A 206 4.69 6.92 -21.79
N THR A 207 3.89 7.05 -22.84
CA THR A 207 3.62 5.93 -23.72
C THR A 207 4.93 5.47 -24.36
N LYS A 208 5.88 6.40 -24.47
CA LYS A 208 7.17 6.12 -25.08
C LYS A 208 8.19 5.42 -24.18
N LEU A 209 7.80 5.11 -22.94
CA LEU A 209 8.73 4.45 -22.03
C LEU A 209 9.09 3.05 -22.50
N ILE A 210 8.26 2.48 -23.38
CA ILE A 210 8.52 1.15 -23.91
C ILE A 210 9.24 1.20 -25.26
N THR A 211 9.84 2.34 -25.58
CA THR A 211 10.56 2.50 -26.84
C THR A 211 12.05 2.73 -26.60
N ASP A 212 12.85 2.55 -27.65
CA ASP A 212 14.29 2.74 -27.55
C ASP A 212 14.69 4.12 -27.06
N HIS A 213 13.82 5.11 -27.28
CA HIS A 213 14.14 6.48 -26.88
C HIS A 213 14.29 6.63 -25.36
N PHE A 214 13.53 5.85 -24.59
CA PHE A 214 13.59 5.94 -23.13
C PHE A 214 14.09 4.70 -22.41
N LEU A 215 14.08 3.55 -23.09
CA LEU A 215 14.51 2.32 -22.45
C LEU A 215 15.89 2.35 -21.79
N PRO A 216 16.84 3.11 -22.36
CA PRO A 216 18.15 3.15 -21.71
C PRO A 216 18.04 3.74 -20.30
N ASP A 217 17.20 4.77 -20.17
CA ASP A 217 16.98 5.42 -18.88
C ASP A 217 16.20 4.52 -17.94
N VAL A 218 15.19 3.83 -18.49
CA VAL A 218 14.40 2.91 -17.67
C VAL A 218 15.33 1.84 -17.13
N ALA A 219 16.23 1.36 -17.98
CA ALA A 219 17.18 0.31 -17.59
C ALA A 219 18.11 0.79 -16.49
N GLU A 220 18.54 2.04 -16.58
CA GLU A 220 19.43 2.62 -15.58
C GLU A 220 18.74 2.60 -14.21
N VAL A 221 17.44 2.89 -14.22
CA VAL A 221 16.65 2.88 -13.00
C VAL A 221 16.47 1.45 -12.52
N ALA A 222 16.15 0.55 -13.45
CA ALA A 222 15.96 -0.86 -13.13
C ALA A 222 17.24 -1.46 -12.56
N ASP A 223 18.38 -1.00 -13.04
CA ASP A 223 19.66 -1.51 -12.54
C ASP A 223 19.81 -1.22 -11.05
N ILE A 224 19.41 -0.02 -10.64
CA ILE A 224 19.50 0.36 -9.23
C ILE A 224 18.56 -0.50 -8.39
N PHE A 225 17.30 -0.58 -8.81
CA PHE A 225 16.32 -1.38 -8.08
C PHE A 225 16.71 -2.86 -8.00
N ARG A 226 17.33 -3.37 -9.06
CA ARG A 226 17.74 -4.78 -9.07
C ARG A 226 18.71 -5.10 -7.93
N THR A 227 19.64 -4.19 -7.67
CA THR A 227 20.63 -4.40 -6.62
C THR A 227 19.96 -4.46 -5.24
N TYR A 228 18.73 -3.99 -5.16
CA TYR A 228 17.98 -4.00 -3.90
C TYR A 228 16.82 -5.00 -3.95
N GLY A 229 16.95 -5.98 -4.83
CA GLY A 229 15.96 -7.04 -4.97
C GLY A 229 14.58 -6.62 -5.45
N ILE A 230 14.53 -5.53 -6.21
CA ILE A 230 13.26 -5.01 -6.71
C ILE A 230 13.12 -5.10 -8.22
N LYS A 231 12.03 -5.73 -8.68
CA LYS A 231 11.76 -5.86 -10.11
C LYS A 231 11.05 -4.61 -10.60
N THR A 232 11.40 -4.15 -11.79
CA THR A 232 10.80 -2.95 -12.36
C THR A 232 9.69 -3.27 -13.35
N PHE A 233 8.59 -2.52 -13.25
CA PHE A 233 7.43 -2.67 -14.12
C PHE A 233 7.10 -1.32 -14.75
N LEU A 234 6.37 -1.35 -15.86
CA LEU A 234 5.95 -0.12 -16.51
C LEU A 234 4.45 -0.19 -16.75
N SER A 235 3.76 0.94 -16.56
CA SER A 235 2.32 0.99 -16.83
C SER A 235 2.31 1.26 -18.32
N ILE A 236 1.41 0.61 -19.06
CA ILE A 236 1.39 0.84 -20.49
C ILE A 236 0.09 1.40 -21.02
N ASN A 237 0.19 2.01 -22.21
CA ASN A 237 -0.96 2.58 -22.91
C ASN A 237 -1.43 1.47 -23.83
N TYR A 238 -2.63 0.94 -23.60
CA TYR A 238 -3.14 -0.15 -24.43
C TYR A 238 -3.20 0.21 -25.90
N ALA A 239 -3.31 1.51 -26.19
CA ALA A 239 -3.38 2.00 -27.56
C ALA A 239 -2.02 2.22 -28.22
N SER A 240 -0.95 1.80 -27.55
CA SER A 240 0.41 1.98 -28.08
C SER A 240 0.59 1.60 -29.55
N PRO A 241 0.04 0.44 -29.98
CA PRO A 241 0.19 0.03 -31.38
C PRO A 241 -0.19 1.15 -32.35
N ILE A 242 -1.16 1.96 -31.96
CA ILE A 242 -1.63 3.07 -32.78
C ILE A 242 -0.77 4.31 -32.60
N GLU A 243 -0.67 4.78 -31.35
CA GLU A 243 0.11 5.98 -31.04
C GLU A 243 1.58 5.96 -31.39
N ILE A 244 2.25 4.84 -31.16
CA ILE A 244 3.67 4.76 -31.47
C ILE A 244 4.03 3.59 -32.38
N GLY A 245 3.06 2.69 -32.62
CA GLY A 245 3.32 1.53 -33.45
C GLY A 245 3.00 1.74 -34.92
N GLY A 246 2.25 2.79 -35.24
CA GLY A 246 1.90 3.06 -36.62
C GLY A 246 0.82 2.14 -37.17
N LEU A 247 0.20 1.35 -36.31
CA LEU A 247 -0.86 0.44 -36.75
C LEU A 247 -2.21 1.16 -36.73
N PRO A 248 -3.16 0.68 -37.53
CA PRO A 248 -4.51 1.27 -37.63
C PRO A 248 -5.46 0.87 -36.50
N THR A 249 -5.07 -0.09 -35.68
CA THR A 249 -5.93 -0.54 -34.59
C THR A 249 -5.16 -1.02 -33.37
N ALA A 250 -5.87 -1.20 -32.26
CA ALA A 250 -5.29 -1.68 -31.01
C ALA A 250 -5.98 -2.97 -30.58
N ASP A 251 -6.86 -3.46 -31.45
CA ASP A 251 -7.61 -4.69 -31.21
C ASP A 251 -6.69 -5.84 -30.81
N PRO A 252 -6.86 -6.39 -29.59
CA PRO A 252 -6.01 -7.49 -29.13
C PRO A 252 -6.09 -8.76 -29.98
N LEU A 253 -7.10 -8.86 -30.85
CA LEU A 253 -7.23 -10.03 -31.70
C LEU A 253 -6.63 -9.78 -33.09
N ASP A 254 -6.23 -8.54 -33.37
CA ASP A 254 -5.63 -8.22 -34.66
C ASP A 254 -4.24 -8.85 -34.68
N PRO A 255 -3.96 -9.68 -35.70
CA PRO A 255 -2.65 -10.34 -35.82
C PRO A 255 -1.43 -9.44 -35.66
N GLU A 256 -1.43 -8.29 -36.33
CA GLU A 256 -0.29 -7.37 -36.25
C GLU A 256 -0.16 -6.72 -34.88
N VAL A 257 -1.29 -6.49 -34.20
CA VAL A 257 -1.26 -5.89 -32.87
C VAL A 257 -0.57 -6.86 -31.93
N ARG A 258 -0.93 -8.15 -32.03
CA ARG A 258 -0.35 -9.18 -31.18
C ARG A 258 1.16 -9.26 -31.41
N ARG A 259 1.56 -9.22 -32.69
CA ARG A 259 2.96 -9.26 -33.06
C ARG A 259 3.71 -8.03 -32.54
N TRP A 260 3.08 -6.88 -32.67
CA TRP A 260 3.69 -5.63 -32.20
C TRP A 260 4.06 -5.72 -30.73
N TRP A 261 3.14 -6.23 -29.91
CA TRP A 261 3.42 -6.35 -28.49
C TRP A 261 4.50 -7.38 -28.19
N LYS A 262 4.57 -8.45 -28.99
CA LYS A 262 5.59 -9.46 -28.79
C LYS A 262 6.96 -8.84 -29.06
N GLU A 263 7.06 -8.07 -30.13
CA GLU A 263 8.31 -7.42 -30.49
C GLU A 263 8.67 -6.37 -29.45
N THR A 264 7.66 -5.71 -28.90
CA THR A 264 7.90 -4.70 -27.88
C THR A 264 8.49 -5.37 -26.64
N ALA A 265 7.91 -6.50 -26.25
CA ALA A 265 8.39 -7.24 -25.09
C ALA A 265 9.84 -7.65 -25.31
N LYS A 266 10.11 -8.23 -26.48
CA LYS A 266 11.46 -8.67 -26.80
C LYS A 266 12.45 -7.51 -26.66
N ARG A 267 12.07 -6.36 -27.20
CA ARG A 267 12.92 -5.17 -27.14
C ARG A 267 13.21 -4.76 -25.70
N ILE A 268 12.17 -4.74 -24.87
CA ILE A 268 12.34 -4.36 -23.47
C ILE A 268 13.30 -5.29 -22.74
N TYR A 269 13.14 -6.60 -22.93
CA TYR A 269 13.99 -7.55 -22.25
C TYR A 269 15.46 -7.52 -22.66
N GLN A 270 15.76 -6.89 -23.80
N GLN A 270 15.76 -6.89 -23.79
CA GLN A 270 17.14 -6.79 -24.26
CA GLN A 270 17.13 -6.78 -24.26
C GLN A 270 17.84 -5.74 -23.39
C GLN A 270 17.82 -5.74 -23.38
N TYR A 271 17.04 -4.79 -22.89
CA TYR A 271 17.55 -3.73 -22.02
C TYR A 271 17.46 -4.14 -20.55
N ILE A 272 16.36 -4.80 -20.22
CA ILE A 272 16.08 -5.24 -18.85
C ILE A 272 15.71 -6.72 -18.86
N PRO A 273 16.73 -7.61 -18.77
CA PRO A 273 16.57 -9.07 -18.78
C PRO A 273 15.59 -9.63 -17.76
N ASP A 274 15.41 -8.95 -16.64
CA ASP A 274 14.50 -9.42 -15.60
C ASP A 274 13.30 -8.50 -15.42
N PHE A 275 12.90 -7.83 -16.49
CA PHE A 275 11.76 -6.91 -16.48
C PHE A 275 10.56 -7.61 -15.84
N GLY A 276 9.88 -6.92 -14.94
CA GLY A 276 8.74 -7.51 -14.26
C GLY A 276 7.51 -7.71 -15.13
N GLY A 277 7.21 -6.73 -15.98
CA GLY A 277 6.04 -6.84 -16.82
C GLY A 277 5.28 -5.52 -16.92
N PHE A 278 4.00 -5.61 -17.26
CA PHE A 278 3.17 -4.42 -17.42
C PHE A 278 2.03 -4.27 -16.42
N VAL A 279 1.76 -3.03 -16.03
CA VAL A 279 0.63 -2.72 -15.15
C VAL A 279 -0.31 -2.09 -16.17
N VAL A 280 -1.56 -2.54 -16.20
CA VAL A 280 -2.51 -2.04 -17.19
C VAL A 280 -3.86 -1.52 -16.72
N LYS A 281 -4.18 -0.30 -17.14
CA LYS A 281 -5.46 0.30 -16.84
C LYS A 281 -6.10 0.45 -18.21
N ALA A 282 -7.04 -0.42 -18.54
CA ALA A 282 -7.72 -0.37 -19.83
C ALA A 282 -9.13 0.22 -19.70
N PRO A 288 -8.41 3.90 -27.07
CA PRO A 288 -8.82 2.55 -27.53
C PRO A 288 -8.40 1.46 -26.56
N GLY A 289 -9.28 0.49 -26.34
CA GLY A 289 -9.00 -0.62 -25.44
C GLY A 289 -9.80 -1.85 -25.83
N PRO A 290 -9.71 -2.95 -25.06
CA PRO A 290 -10.45 -4.17 -25.39
C PRO A 290 -11.92 -3.94 -25.74
N PHE A 291 -12.63 -3.27 -24.84
CA PHE A 291 -14.06 -2.99 -25.05
C PHE A 291 -14.31 -2.20 -26.34
N THR A 292 -13.35 -1.37 -26.73
CA THR A 292 -13.47 -0.55 -27.93
C THR A 292 -13.71 -1.42 -29.16
N TYR A 293 -13.22 -2.65 -29.11
CA TYR A 293 -13.35 -3.58 -30.23
C TYR A 293 -14.26 -4.76 -29.89
N GLY A 294 -15.06 -4.61 -28.85
CA GLY A 294 -15.97 -5.67 -28.45
C GLY A 294 -15.29 -6.90 -27.87
N ARG A 295 -14.10 -6.72 -27.31
CA ARG A 295 -13.38 -7.84 -26.70
C ARG A 295 -13.52 -7.74 -25.19
N ASP A 296 -13.42 -8.88 -24.49
CA ASP A 296 -13.52 -8.85 -23.04
C ASP A 296 -12.13 -8.67 -22.44
N HIS A 297 -12.07 -8.52 -21.12
CA HIS A 297 -10.79 -8.32 -20.46
C HIS A 297 -9.85 -9.52 -20.47
N ALA A 298 -10.40 -10.71 -20.69
CA ALA A 298 -9.57 -11.90 -20.74
C ALA A 298 -8.79 -11.86 -22.05
N GLU A 299 -9.50 -11.53 -23.13
CA GLU A 299 -8.87 -11.44 -24.44
C GLU A 299 -7.84 -10.31 -24.42
N GLY A 300 -8.20 -9.20 -23.79
CA GLY A 300 -7.29 -8.08 -23.71
C GLY A 300 -6.05 -8.34 -22.87
N ALA A 301 -6.23 -8.97 -21.71
CA ALA A 301 -5.12 -9.27 -20.83
C ALA A 301 -4.25 -10.42 -21.37
N ASN A 302 -4.89 -11.43 -21.94
CA ASN A 302 -4.16 -12.58 -22.47
C ASN A 302 -3.21 -12.26 -23.62
N MET A 303 -3.57 -11.26 -24.42
CA MET A 303 -2.74 -10.88 -25.56
C MET A 303 -1.41 -10.34 -25.04
N LEU A 304 -1.47 -9.50 -24.01
CA LEU A 304 -0.26 -8.93 -23.43
C LEU A 304 0.49 -10.02 -22.68
N ALA A 305 -0.25 -10.94 -22.07
CA ALA A 305 0.35 -12.03 -21.31
C ALA A 305 1.16 -12.94 -22.23
N GLU A 306 0.66 -13.14 -23.45
CA GLU A 306 1.34 -13.98 -24.43
C GLU A 306 2.63 -13.32 -24.91
N ALA A 307 2.64 -11.99 -24.98
CA ALA A 307 3.82 -11.26 -25.41
C ALA A 307 4.94 -11.38 -24.37
N LEU A 308 4.56 -11.34 -23.09
CA LEU A 308 5.53 -11.42 -21.99
C LEU A 308 5.92 -12.83 -21.57
N ALA A 309 5.03 -13.80 -21.84
CA ALA A 309 5.24 -15.19 -21.44
C ALA A 309 6.64 -15.78 -21.69
N PRO A 310 7.15 -15.69 -22.93
CA PRO A 310 8.48 -16.25 -23.23
C PRO A 310 9.59 -15.66 -22.37
N PHE A 311 9.35 -14.47 -21.83
CA PHE A 311 10.35 -13.78 -21.03
C PHE A 311 10.11 -13.87 -19.53
N GLY A 312 8.99 -14.48 -19.15
CA GLY A 312 8.67 -14.61 -17.73
C GLY A 312 8.03 -13.38 -17.13
N GLY A 313 7.55 -12.48 -17.98
CA GLY A 313 6.92 -11.27 -17.50
C GLY A 313 5.49 -11.47 -17.04
N LEU A 314 5.00 -10.52 -16.24
CA LEU A 314 3.63 -10.60 -15.73
C LEU A 314 2.78 -9.44 -16.21
N VAL A 315 1.48 -9.69 -16.32
CA VAL A 315 0.53 -8.66 -16.70
C VAL A 315 -0.33 -8.38 -15.49
N ILE A 316 -0.23 -7.16 -14.97
CA ILE A 316 -1.03 -6.78 -13.82
C ILE A 316 -2.18 -5.97 -14.40
N TRP A 317 -3.36 -6.59 -14.42
CA TRP A 317 -4.56 -6.02 -14.98
C TRP A 317 -5.47 -5.44 -13.90
N ARG A 318 -5.59 -4.12 -13.85
CA ARG A 318 -6.43 -3.48 -12.84
C ARG A 318 -7.91 -3.71 -13.11
N CYS A 319 -8.63 -4.11 -12.08
CA CYS A 319 -10.07 -4.40 -12.20
C CYS A 319 -10.92 -3.17 -11.89
N PHE A 320 -10.28 -2.00 -11.84
CA PHE A 320 -10.99 -0.77 -11.56
C PHE A 320 -11.73 -0.39 -12.83
N VAL A 321 -12.80 -1.12 -13.12
CA VAL A 321 -13.61 -0.89 -14.31
C VAL A 321 -15.09 -0.77 -13.95
N TYR A 322 -15.71 0.29 -14.44
CA TYR A 322 -17.13 0.54 -14.17
C TYR A 322 -17.67 1.55 -15.18
N ASN A 323 -18.95 1.84 -15.06
CA ASN A 323 -19.59 2.81 -15.95
C ASN A 323 -19.34 4.22 -15.45
N CYS A 324 -18.31 4.87 -16.01
N CYS A 324 -18.31 4.86 -16.00
CA CYS A 324 -17.96 6.23 -15.64
CA CYS A 324 -17.97 6.23 -15.61
C CYS A 324 -18.93 7.22 -16.27
C CYS A 324 -18.93 7.22 -16.27
N GLN A 325 -20.08 6.72 -16.70
CA GLN A 325 -21.09 7.57 -17.33
C GLN A 325 -22.46 7.08 -16.87
N GLN A 326 -22.57 6.76 -15.59
CA GLN A 326 -23.81 6.28 -15.01
C GLN A 326 -24.81 7.41 -14.81
N ASP A 327 -26.10 7.09 -14.95
CA ASP A 327 -27.16 8.07 -14.76
C ASP A 327 -27.57 8.05 -13.29
N TRP A 328 -27.46 9.19 -12.62
CA TRP A 328 -27.82 9.26 -11.21
C TRP A 328 -29.29 8.92 -10.95
N ARG A 329 -30.11 9.02 -11.99
CA ARG A 329 -31.55 8.74 -11.88
C ARG A 329 -31.83 7.24 -11.73
N ASP A 330 -31.00 6.44 -12.38
CA ASP A 330 -31.15 4.99 -12.38
C ASP A 330 -30.62 4.32 -11.11
N ARG A 331 -31.51 4.01 -10.18
CA ARG A 331 -31.13 3.38 -8.92
C ARG A 331 -30.99 1.86 -9.03
N THR A 332 -31.09 1.33 -10.24
CA THR A 332 -30.95 -0.12 -10.43
C THR A 332 -29.49 -0.42 -10.77
N THR A 333 -28.78 0.58 -11.29
CA THR A 333 -27.37 0.41 -11.62
C THR A 333 -26.55 0.76 -10.39
N ASP A 334 -25.61 -0.11 -10.03
CA ASP A 334 -24.78 0.08 -8.85
C ASP A 334 -23.30 -0.08 -9.21
N ARG A 335 -22.54 1.01 -9.11
CA ARG A 335 -21.12 0.97 -9.42
C ARG A 335 -20.38 -0.07 -8.57
N ALA A 336 -20.83 -0.25 -7.33
CA ALA A 336 -20.20 -1.21 -6.42
C ALA A 336 -20.24 -2.64 -6.95
N LYS A 337 -21.23 -2.94 -7.78
CA LYS A 337 -21.38 -4.29 -8.35
C LYS A 337 -20.54 -4.52 -9.62
N ALA A 338 -20.15 -3.43 -10.27
CA ALA A 338 -19.41 -3.47 -11.53
C ALA A 338 -18.21 -4.42 -11.64
N ALA A 339 -17.24 -4.29 -10.75
CA ALA A 339 -16.05 -5.13 -10.81
C ALA A 339 -16.36 -6.62 -10.80
N TYR A 340 -17.20 -7.05 -9.87
CA TYR A 340 -17.57 -8.45 -9.76
C TYR A 340 -18.34 -8.93 -10.98
N ASP A 341 -19.33 -8.16 -11.41
CA ASP A 341 -20.11 -8.57 -12.58
C ASP A 341 -19.29 -8.63 -13.85
N HIS A 342 -18.21 -7.83 -13.89
CA HIS A 342 -17.34 -7.82 -15.06
C HIS A 342 -16.34 -8.98 -15.07
N PHE A 343 -15.69 -9.20 -13.93
CA PHE A 343 -14.67 -10.26 -13.87
C PHE A 343 -15.07 -11.65 -13.39
N LYS A 344 -16.05 -11.74 -12.49
CA LYS A 344 -16.47 -13.04 -11.99
C LYS A 344 -16.72 -14.05 -13.10
N PRO A 345 -17.51 -13.68 -14.13
CA PRO A 345 -17.81 -14.57 -15.25
C PRO A 345 -16.60 -15.03 -16.05
N LEU A 346 -15.49 -14.29 -15.94
CA LEU A 346 -14.28 -14.61 -16.68
C LEU A 346 -13.30 -15.53 -15.95
N ASP A 347 -13.65 -15.94 -14.74
CA ASP A 347 -12.78 -16.81 -13.96
C ASP A 347 -12.42 -18.05 -14.78
N GLY A 348 -11.13 -18.35 -14.85
CA GLY A 348 -10.68 -19.51 -15.60
C GLY A 348 -10.32 -19.23 -17.06
N GLN A 349 -10.49 -17.99 -17.50
CA GLN A 349 -10.18 -17.63 -18.88
C GLN A 349 -8.89 -16.84 -19.04
N PHE A 350 -8.24 -16.53 -17.92
CA PHE A 350 -7.00 -15.75 -17.94
C PHE A 350 -5.75 -16.62 -17.99
N ARG A 351 -4.73 -16.13 -18.69
CA ARG A 351 -3.46 -16.85 -18.79
C ARG A 351 -2.84 -16.86 -17.40
N GLU A 352 -1.95 -17.82 -17.16
CA GLU A 352 -1.33 -17.97 -15.85
C GLU A 352 -0.45 -16.82 -15.36
N ASN A 353 0.03 -15.98 -16.27
CA ASN A 353 0.86 -14.86 -15.86
C ASN A 353 0.09 -13.54 -15.84
N VAL A 354 -1.23 -13.64 -15.71
CA VAL A 354 -2.08 -12.46 -15.59
C VAL A 354 -2.52 -12.43 -14.13
N ILE A 355 -2.46 -11.25 -13.52
CA ILE A 355 -2.89 -11.08 -12.14
C ILE A 355 -3.89 -9.96 -12.13
N LEU A 356 -5.08 -10.21 -11.61
CA LEU A 356 -6.09 -9.17 -11.56
C LEU A 356 -5.83 -8.35 -10.31
N GLN A 357 -5.64 -7.04 -10.47
CA GLN A 357 -5.38 -6.16 -9.34
C GLN A 357 -6.67 -5.44 -8.99
N ILE A 358 -7.14 -5.71 -7.77
CA ILE A 358 -8.40 -5.17 -7.26
C ILE A 358 -8.23 -4.29 -6.03
N LYS A 359 -8.86 -3.11 -6.04
CA LYS A 359 -8.76 -2.21 -4.89
C LYS A 359 -9.38 -2.88 -3.67
N ASN A 360 -8.98 -2.47 -2.48
CA ASN A 360 -9.52 -3.10 -1.28
C ASN A 360 -11.04 -3.04 -1.24
N GLY A 361 -11.61 -1.96 -1.79
CA GLY A 361 -13.05 -1.79 -1.82
C GLY A 361 -13.59 -1.75 -3.24
N PRO A 362 -14.92 -1.91 -3.44
CA PRO A 362 -15.54 -1.90 -4.76
C PRO A 362 -15.83 -0.52 -5.35
N MET A 363 -15.52 0.54 -4.59
CA MET A 363 -15.77 1.89 -5.09
C MET A 363 -14.47 2.60 -5.43
N ASP A 364 -13.91 3.37 -4.50
CA ASP A 364 -12.66 4.07 -4.81
C ASP A 364 -11.88 4.63 -3.62
N PHE A 365 -11.23 3.74 -2.89
CA PHE A 365 -10.39 4.13 -1.75
C PHE A 365 -11.00 5.13 -0.77
N GLN A 366 -12.27 4.98 -0.44
CA GLN A 366 -12.90 5.90 0.51
C GLN A 366 -12.42 5.60 1.93
N VAL A 367 -12.64 6.54 2.86
N VAL A 367 -12.64 6.54 2.85
CA VAL A 367 -12.20 6.35 4.24
CA VAL A 367 -12.22 6.38 4.24
C VAL A 367 -12.59 4.97 4.74
C VAL A 367 -12.61 5.00 4.77
N ARG A 368 -13.76 4.50 4.32
CA ARG A 368 -14.23 3.17 4.69
C ARG A 368 -15.09 2.63 3.58
N GLU A 369 -14.82 1.40 3.18
CA GLU A 369 -15.57 0.70 2.15
C GLU A 369 -15.57 -0.77 2.53
N PRO A 370 -16.65 -1.48 2.19
CA PRO A 370 -16.64 -2.90 2.54
C PRO A 370 -15.63 -3.54 1.59
N VAL A 371 -15.25 -4.78 1.85
CA VAL A 371 -14.28 -5.49 1.03
C VAL A 371 -14.83 -5.84 -0.36
N SER A 372 -14.00 -5.67 -1.39
CA SER A 372 -14.41 -6.01 -2.76
C SER A 372 -14.84 -7.48 -2.83
N PRO A 373 -16.08 -7.73 -3.28
CA PRO A 373 -16.60 -9.10 -3.39
C PRO A 373 -15.74 -10.02 -4.28
N LEU A 374 -14.94 -9.43 -5.17
CA LEU A 374 -14.09 -10.24 -6.04
C LEU A 374 -13.11 -11.13 -5.29
N PHE A 375 -12.64 -10.69 -4.12
CA PHE A 375 -11.71 -11.51 -3.36
C PHE A 375 -12.43 -12.75 -2.85
N GLY A 376 -11.95 -13.92 -3.26
CA GLY A 376 -12.55 -15.18 -2.86
C GLY A 376 -13.53 -15.73 -3.89
N ALA A 377 -13.84 -14.94 -4.91
CA ALA A 377 -14.79 -15.35 -5.93
C ALA A 377 -14.19 -15.89 -7.24
N MET A 378 -12.87 -15.87 -7.35
CA MET A 378 -12.22 -16.33 -8.58
C MET A 378 -11.10 -17.33 -8.27
N PRO A 379 -11.46 -18.56 -7.90
CA PRO A 379 -10.52 -19.63 -7.58
C PRO A 379 -9.50 -19.94 -8.65
N LYS A 380 -9.84 -19.68 -9.90
CA LYS A 380 -8.93 -19.98 -11.01
C LYS A 380 -8.20 -18.79 -11.62
N THR A 381 -8.21 -17.65 -10.94
CA THR A 381 -7.55 -16.46 -11.46
C THR A 381 -6.72 -15.76 -10.40
N ASN A 382 -5.44 -15.54 -10.69
CA ASN A 382 -4.54 -14.87 -9.74
C ASN A 382 -5.12 -13.49 -9.40
N GLN A 383 -5.02 -13.12 -8.12
CA GLN A 383 -5.51 -11.82 -7.68
C GLN A 383 -4.51 -11.17 -6.73
N MET A 384 -4.46 -9.84 -6.76
CA MET A 384 -3.62 -9.10 -5.85
C MET A 384 -4.43 -7.86 -5.47
N MET A 385 -4.30 -7.42 -4.24
CA MET A 385 -5.05 -6.26 -3.79
C MET A 385 -4.27 -4.96 -3.94
N GLU A 386 -4.97 -3.91 -4.33
CA GLU A 386 -4.36 -2.60 -4.49
C GLU A 386 -4.88 -1.70 -3.37
N VAL A 387 -3.97 -1.10 -2.61
CA VAL A 387 -4.35 -0.19 -1.56
C VAL A 387 -3.72 1.15 -1.90
N GLN A 388 -4.22 2.23 -1.32
CA GLN A 388 -3.70 3.54 -1.64
C GLN A 388 -2.95 4.16 -0.48
N ILE A 389 -1.62 4.26 -0.61
CA ILE A 389 -0.82 4.84 0.45
C ILE A 389 -0.96 6.36 0.42
N THR A 390 -1.00 6.93 -0.78
CA THR A 390 -1.21 8.37 -0.88
C THR A 390 -2.64 8.57 -0.37
N GLN A 391 -2.83 9.56 0.49
CA GLN A 391 -4.14 9.82 1.10
C GLN A 391 -5.13 10.64 0.29
N GLU A 392 -5.49 10.16 -0.90
CA GLU A 392 -6.43 10.89 -1.74
C GLU A 392 -7.72 11.30 -1.04
N TYR A 393 -8.40 10.33 -0.43
CA TYR A 393 -9.64 10.60 0.27
C TYR A 393 -9.46 10.51 1.77
N THR A 394 -8.21 10.36 2.22
CA THR A 394 -7.96 10.22 3.65
C THR A 394 -7.09 11.32 4.30
N GLY A 395 -7.25 12.55 3.82
CA GLY A 395 -6.52 13.66 4.41
C GLY A 395 -5.43 14.30 3.58
N GLN A 396 -5.05 13.66 2.48
CA GLN A 396 -4.02 14.17 1.58
C GLN A 396 -2.77 14.64 2.30
N GLN A 397 -2.40 13.87 3.33
CA GLN A 397 -1.22 14.13 4.14
C GLN A 397 -1.23 15.49 4.86
N LYS A 398 -2.40 16.10 4.93
CA LYS A 398 -2.57 17.35 5.67
C LYS A 398 -3.10 16.85 7.01
N HIS A 399 -4.06 15.93 6.93
CA HIS A 399 -4.65 15.29 8.11
C HIS A 399 -3.87 13.99 8.34
N LEU A 400 -3.62 13.66 9.60
CA LEU A 400 -2.91 12.43 9.90
C LEU A 400 -3.87 11.25 9.70
N CYS A 401 -3.38 10.19 9.06
CA CYS A 401 -4.21 9.00 8.88
C CYS A 401 -3.35 7.76 8.65
N PHE A 402 -3.05 7.04 9.74
CA PHE A 402 -2.26 5.82 9.71
C PHE A 402 -3.21 4.77 9.14
N LEU A 403 -2.93 4.33 7.92
CA LEU A 403 -3.77 3.38 7.21
C LEU A 403 -3.67 1.89 7.56
N ILE A 404 -2.67 1.52 8.35
CA ILE A 404 -2.47 0.12 8.70
C ILE A 404 -3.68 -0.57 9.38
N PRO A 405 -4.33 0.09 10.34
CA PRO A 405 -5.48 -0.56 10.98
C PRO A 405 -6.57 -0.92 9.97
N GLN A 406 -6.82 -0.01 9.02
CA GLN A 406 -7.85 -0.26 8.01
C GLN A 406 -7.43 -1.42 7.12
N TRP A 407 -6.18 -1.43 6.68
CA TRP A 407 -5.74 -2.51 5.82
C TRP A 407 -5.84 -3.86 6.51
N LYS A 408 -5.61 -3.89 7.82
CA LYS A 408 -5.72 -5.14 8.54
C LYS A 408 -7.17 -5.61 8.61
N GLU A 409 -8.11 -4.67 8.71
CA GLU A 409 -9.51 -5.04 8.73
C GLU A 409 -9.88 -5.72 7.41
N VAL A 410 -9.32 -5.21 6.32
CA VAL A 410 -9.57 -5.78 5.00
C VAL A 410 -8.90 -7.15 4.88
N LEU A 411 -7.61 -7.20 5.21
CA LEU A 411 -6.85 -8.44 5.14
C LEU A 411 -7.42 -9.56 6.01
N ASP A 412 -7.97 -9.20 7.17
CA ASP A 412 -8.53 -10.18 8.08
C ASP A 412 -10.00 -10.50 7.85
N PHE A 413 -10.62 -9.84 6.87
CA PHE A 413 -12.02 -10.07 6.54
C PHE A 413 -12.15 -11.51 6.04
N ASP A 414 -13.02 -12.29 6.67
CA ASP A 414 -13.22 -13.69 6.26
C ASP A 414 -14.26 -13.74 5.15
N THR A 415 -13.86 -14.15 3.96
CA THR A 415 -14.79 -14.23 2.84
C THR A 415 -15.64 -15.48 2.88
N TYR A 416 -15.21 -16.47 3.67
CA TYR A 416 -15.90 -17.74 3.78
C TYR A 416 -15.98 -18.46 2.44
N ALA A 417 -15.10 -18.09 1.52
CA ALA A 417 -15.08 -18.69 0.18
C ALA A 417 -15.00 -20.21 0.27
N LYS A 418 -14.20 -20.70 1.22
CA LYS A 418 -14.04 -22.13 1.43
C LYS A 418 -14.39 -22.43 2.89
N GLY A 419 -15.41 -21.73 3.40
CA GLY A 419 -15.80 -21.92 4.78
C GLY A 419 -14.99 -20.99 5.67
N LYS A 420 -15.19 -21.08 6.98
CA LYS A 420 -14.46 -20.23 7.91
C LYS A 420 -12.96 -20.35 7.71
N GLY A 421 -12.25 -19.22 7.77
CA GLY A 421 -10.81 -19.24 7.59
C GLY A 421 -10.41 -18.94 6.16
N SER A 422 -11.24 -18.18 5.46
CA SER A 422 -10.96 -17.80 4.08
C SER A 422 -10.77 -16.29 4.01
N GLU A 423 -9.89 -15.77 4.89
CA GLU A 423 -9.62 -14.35 4.94
C GLU A 423 -9.00 -13.81 3.66
N VAL A 424 -9.23 -12.53 3.38
CA VAL A 424 -8.68 -11.89 2.19
C VAL A 424 -7.18 -12.14 2.07
N LYS A 425 -6.47 -12.08 3.19
CA LYS A 425 -5.02 -12.28 3.17
C LYS A 425 -4.63 -13.65 2.63
N LYS A 426 -5.47 -14.65 2.86
CA LYS A 426 -5.22 -16.01 2.36
C LYS A 426 -5.55 -16.09 0.88
N VAL A 427 -6.39 -15.17 0.41
CA VAL A 427 -6.73 -15.13 -1.00
C VAL A 427 -5.55 -14.55 -1.77
N ILE A 428 -5.08 -13.38 -1.34
CA ILE A 428 -3.97 -12.74 -2.04
C ILE A 428 -2.58 -13.29 -1.78
N ASP A 429 -2.39 -14.07 -0.72
CA ASP A 429 -1.05 -14.64 -0.51
C ASP A 429 -0.98 -15.92 -1.31
N GLY A 430 -2.10 -16.28 -1.95
CA GLY A 430 -2.17 -17.46 -2.79
C GLY A 430 -2.36 -18.82 -2.16
N SER A 431 -2.44 -18.88 -0.83
CA SER A 431 -2.59 -20.16 -0.14
C SER A 431 -3.97 -20.79 -0.27
N LEU A 432 -5.01 -19.98 -0.32
CA LEU A 432 -6.37 -20.50 -0.40
C LEU A 432 -6.69 -21.21 -1.72
N PHE A 433 -6.24 -20.64 -2.83
CA PHE A 433 -6.52 -21.21 -4.15
C PHE A 433 -5.28 -21.64 -4.93
N ASP A 434 -4.13 -21.64 -4.26
CA ASP A 434 -2.89 -22.04 -4.90
C ASP A 434 -2.55 -21.17 -6.11
N TYR A 435 -2.56 -19.85 -5.91
CA TYR A 435 -2.23 -18.92 -7.00
C TYR A 435 -0.73 -18.94 -7.23
N ARG A 436 -0.31 -18.97 -8.50
CA ARG A 436 1.12 -18.97 -8.80
C ARG A 436 1.71 -17.59 -8.53
N TYR A 437 0.98 -16.54 -8.92
CA TYR A 437 1.42 -15.16 -8.71
C TYR A 437 0.31 -14.37 -8.05
N SER A 438 0.61 -13.77 -6.91
CA SER A 438 -0.38 -12.98 -6.21
C SER A 438 0.28 -12.14 -5.13
N GLY A 439 -0.47 -11.23 -4.53
CA GLY A 439 0.11 -10.40 -3.49
C GLY A 439 -0.63 -9.11 -3.25
N ILE A 440 0.13 -8.03 -3.05
CA ILE A 440 -0.47 -6.74 -2.77
C ILE A 440 0.36 -5.61 -3.35
N ALA A 441 -0.31 -4.53 -3.76
CA ALA A 441 0.35 -3.37 -4.32
C ALA A 441 -0.17 -2.12 -3.63
N GLY A 442 0.71 -1.13 -3.46
CA GLY A 442 0.30 0.10 -2.81
C GLY A 442 0.66 1.32 -3.65
N VAL A 443 -0.28 2.26 -3.75
CA VAL A 443 -0.04 3.48 -4.52
C VAL A 443 0.85 4.40 -3.69
N SER A 444 2.07 4.61 -4.16
CA SER A 444 3.09 5.41 -3.48
C SER A 444 2.62 6.76 -2.93
N ASN A 445 3.13 7.12 -1.74
CA ASN A 445 2.78 8.38 -1.12
C ASN A 445 4.01 9.29 -1.05
N ILE A 446 5.03 9.01 -1.86
CA ILE A 446 6.23 9.85 -1.81
C ILE A 446 6.30 10.90 -2.91
N GLY A 447 7.17 11.87 -2.68
CA GLY A 447 7.38 12.96 -3.60
C GLY A 447 8.73 13.59 -3.29
N SER A 448 9.07 14.67 -4.00
CA SER A 448 10.35 15.35 -3.80
C SER A 448 10.53 16.08 -2.46
N ASP A 449 9.47 16.19 -1.67
CA ASP A 449 9.57 16.86 -0.37
C ASP A 449 10.71 16.23 0.44
N PRO A 450 11.45 17.05 1.22
CA PRO A 450 12.56 16.55 2.03
C PRO A 450 12.16 15.38 2.94
N ASN A 451 10.93 15.42 3.46
CA ASN A 451 10.48 14.34 4.34
C ASN A 451 9.79 13.21 3.58
N TRP A 452 9.92 13.23 2.25
CA TRP A 452 9.38 12.20 1.37
C TRP A 452 7.86 12.04 1.26
N THR A 453 7.16 12.15 2.38
CA THR A 453 5.71 11.93 2.37
C THR A 453 4.79 13.12 2.65
N GLY A 454 5.35 14.34 2.62
CA GLY A 454 4.55 15.52 2.87
C GLY A 454 4.34 15.70 4.36
N HIS A 455 3.62 14.76 4.95
CA HIS A 455 3.40 14.76 6.39
C HIS A 455 4.47 13.83 6.92
N THR A 456 5.27 14.29 7.88
CA THR A 456 6.34 13.46 8.42
C THR A 456 5.84 12.11 8.92
N LEU A 457 4.70 12.11 9.60
CA LEU A 457 4.15 10.87 10.14
C LEU A 457 3.56 9.93 9.09
N ALA A 458 3.40 10.43 7.86
CA ALA A 458 2.88 9.60 6.77
C ALA A 458 3.97 8.60 6.36
N GLN A 459 5.18 8.81 6.85
CA GLN A 459 6.26 7.89 6.55
C GLN A 459 5.85 6.52 7.10
N ALA A 460 5.07 6.53 8.17
CA ALA A 460 4.60 5.30 8.81
C ALA A 460 3.71 4.46 7.88
N ASN A 461 3.03 5.12 6.94
CA ASN A 461 2.14 4.39 6.03
C ASN A 461 2.94 3.58 5.01
N LEU A 462 4.04 4.13 4.54
CA LEU A 462 4.88 3.43 3.57
C LEU A 462 5.58 2.27 4.28
N TYR A 463 6.12 2.53 5.46
CA TYR A 463 6.79 1.52 6.25
C TYR A 463 5.80 0.41 6.57
N GLY A 464 4.62 0.82 7.06
CA GLY A 464 3.58 -0.12 7.42
C GLY A 464 3.07 -0.95 6.27
N PHE A 465 3.00 -0.36 5.09
CA PHE A 465 2.53 -1.12 3.92
C PHE A 465 3.49 -2.29 3.71
N GLY A 466 4.79 -1.98 3.72
CA GLY A 466 5.79 -3.00 3.53
C GLY A 466 5.72 -4.11 4.57
N ARG A 467 5.54 -3.73 5.83
CA ARG A 467 5.47 -4.72 6.90
C ARG A 467 4.28 -5.66 6.69
N LEU A 468 3.11 -5.11 6.40
CA LEU A 468 1.93 -5.96 6.18
C LEU A 468 2.08 -6.81 4.92
N ALA A 469 2.72 -6.25 3.90
CA ALA A 469 2.92 -6.99 2.66
C ALA A 469 3.77 -8.22 2.96
N TRP A 470 4.75 -8.06 3.85
CA TRP A 470 5.62 -9.16 4.23
C TRP A 470 4.87 -10.17 5.10
N ASN A 471 4.14 -9.68 6.09
CA ASN A 471 3.38 -10.54 6.99
C ASN A 471 2.12 -9.84 7.47
N PRO A 472 0.98 -10.11 6.82
CA PRO A 472 -0.30 -9.50 7.20
C PRO A 472 -0.71 -9.76 8.65
N ASP A 473 -0.11 -10.77 9.28
CA ASP A 473 -0.44 -11.09 10.66
C ASP A 473 0.20 -10.18 11.71
N LEU A 474 1.07 -9.28 11.29
CA LEU A 474 1.70 -8.36 12.23
C LEU A 474 0.61 -7.43 12.76
N SER A 475 0.70 -7.07 14.03
CA SER A 475 -0.32 -6.20 14.62
C SER A 475 -0.04 -4.73 14.28
N ALA A 476 -1.07 -3.92 14.26
CA ALA A 476 -0.91 -2.51 13.97
C ALA A 476 -0.03 -1.91 15.07
N GLU A 477 -0.25 -2.41 16.29
CA GLU A 477 0.50 -1.93 17.45
C GLU A 477 1.99 -2.13 17.32
N GLU A 478 2.43 -3.31 16.90
CA GLU A 478 3.87 -3.55 16.77
C GLU A 478 4.49 -2.85 15.58
N ILE A 479 3.73 -2.67 14.51
CA ILE A 479 4.24 -1.97 13.34
C ILE A 479 4.46 -0.50 13.72
N ALA A 480 3.48 0.07 14.43
CA ALA A 480 3.59 1.46 14.85
C ALA A 480 4.78 1.60 15.81
N ASN A 481 4.91 0.64 16.73
CA ASN A 481 6.01 0.66 17.69
C ASN A 481 7.35 0.65 16.97
N GLU A 482 7.51 -0.28 16.02
CA GLU A 482 8.75 -0.37 15.25
C GLU A 482 9.08 0.94 14.55
N TRP A 483 8.10 1.49 13.85
CA TRP A 483 8.32 2.72 13.12
C TRP A 483 8.67 3.90 14.03
N VAL A 484 7.94 4.07 15.12
CA VAL A 484 8.22 5.18 16.02
C VAL A 484 9.62 5.09 16.63
N VAL A 485 9.98 3.93 17.16
CA VAL A 485 11.29 3.75 17.76
C VAL A 485 12.42 4.05 16.79
N GLN A 486 12.33 3.52 15.58
CA GLN A 486 13.38 3.74 14.59
C GLN A 486 13.43 5.19 14.10
N THR A 487 12.27 5.83 14.02
CA THR A 487 12.19 7.20 13.53
C THR A 487 12.33 8.30 14.59
N PHE A 488 11.87 8.03 15.81
CA PHE A 488 11.94 9.03 16.88
C PHE A 488 12.64 8.62 18.17
N GLY A 489 13.12 7.39 18.24
CA GLY A 489 13.81 6.98 19.47
C GLY A 489 12.96 6.17 20.44
N ASP A 490 13.57 5.75 21.55
CA ASP A 490 12.86 4.93 22.52
C ASP A 490 12.33 5.58 23.79
N ASP A 491 12.27 6.91 23.84
CA ASP A 491 11.72 7.55 25.03
C ASP A 491 10.28 7.06 25.17
N SER A 492 9.97 6.40 26.29
CA SER A 492 8.63 5.83 26.51
C SER A 492 7.46 6.77 26.25
N GLN A 493 7.64 8.05 26.55
CA GLN A 493 6.57 9.03 26.33
C GLN A 493 6.40 9.27 24.84
N VAL A 494 7.53 9.42 24.14
CA VAL A 494 7.52 9.65 22.70
C VAL A 494 6.86 8.46 22.00
N VAL A 495 7.31 7.26 22.35
CA VAL A 495 6.78 6.03 21.76
C VAL A 495 5.28 5.86 22.01
N GLU A 496 4.87 5.98 23.27
CA GLU A 496 3.47 5.82 23.63
C GLU A 496 2.57 6.89 22.97
N THR A 497 3.06 8.13 22.96
CA THR A 497 2.28 9.24 22.39
C THR A 497 2.11 9.16 20.88
N ILE A 498 3.21 9.00 20.14
CA ILE A 498 3.11 8.92 18.70
C ILE A 498 2.38 7.65 18.27
N SER A 499 2.56 6.56 19.01
CA SER A 499 1.88 5.32 18.68
C SER A 499 0.38 5.49 18.83
N TRP A 500 -0.03 6.18 19.90
CA TRP A 500 -1.45 6.43 20.15
C TRP A 500 -2.02 7.29 19.02
N MET A 501 -1.27 8.34 18.63
CA MET A 501 -1.70 9.24 17.57
C MET A 501 -1.96 8.45 16.29
N LEU A 502 -0.98 7.63 15.91
CA LEU A 502 -1.09 6.83 14.70
C LEU A 502 -2.28 5.87 14.78
N LEU A 503 -2.35 5.11 15.87
CA LEU A 503 -3.41 4.13 16.01
C LEU A 503 -4.82 4.72 16.08
N SER A 504 -4.92 5.96 16.53
CA SER A 504 -6.22 6.62 16.65
C SER A 504 -6.63 7.46 15.43
N SER A 505 -5.64 7.92 14.68
CA SER A 505 -5.87 8.81 13.54
C SER A 505 -6.94 8.46 12.51
N TRP A 506 -6.97 7.22 12.03
CA TRP A 506 -7.96 6.86 11.01
C TRP A 506 -9.39 7.06 11.50
N ARG A 507 -9.70 6.54 12.69
CA ARG A 507 -11.04 6.69 13.25
C ARG A 507 -11.40 8.15 13.47
N ILE A 508 -10.43 8.94 13.90
CA ILE A 508 -10.64 10.36 14.12
C ILE A 508 -11.03 11.04 12.80
N TYR A 509 -10.29 10.76 11.74
CA TYR A 509 -10.58 11.35 10.43
C TYR A 509 -11.94 10.88 9.93
N GLU A 510 -12.24 9.60 10.08
CA GLU A 510 -13.54 9.09 9.62
C GLU A 510 -14.67 9.79 10.40
N ASN A 511 -14.46 10.01 11.69
CA ASN A 511 -15.47 10.65 12.51
C ASN A 511 -15.98 11.98 11.95
N TYR A 512 -15.11 12.81 11.40
CA TYR A 512 -15.60 14.07 10.85
C TYR A 512 -15.75 14.13 9.34
N THR A 513 -15.66 12.98 8.67
CA THR A 513 -15.86 12.97 7.22
C THR A 513 -17.16 12.22 6.90
N SER A 514 -17.16 11.37 5.87
CA SER A 514 -18.39 10.67 5.51
C SER A 514 -18.86 9.69 6.58
N PRO A 515 -20.16 9.70 6.88
CA PRO A 515 -20.75 8.82 7.91
C PRO A 515 -21.17 7.42 7.53
N LEU A 516 -21.00 6.53 8.50
CA LEU A 516 -21.45 5.15 8.41
C LEU A 516 -21.19 4.41 7.10
N GLY A 517 -20.01 4.62 6.54
CA GLY A 517 -19.62 3.93 5.32
C GLY A 517 -20.20 4.35 3.99
N VAL A 518 -20.99 5.43 3.96
CA VAL A 518 -21.58 5.85 2.69
C VAL A 518 -20.52 6.44 1.76
N GLY A 519 -19.44 6.93 2.36
CA GLY A 519 -18.33 7.49 1.59
C GLY A 519 -18.55 8.84 0.93
N TRP A 520 -17.52 9.28 0.21
CA TRP A 520 -17.54 10.53 -0.55
C TRP A 520 -17.81 11.81 0.24
N MET A 521 -18.76 12.64 -0.23
CA MET A 521 -19.05 13.92 0.41
C MET A 521 -17.82 14.82 0.35
N VAL A 522 -17.04 14.67 -0.71
CA VAL A 522 -15.83 15.47 -0.93
C VAL A 522 -15.97 16.42 -2.11
N ASN A 523 -15.10 17.43 -2.15
CA ASN A 523 -15.12 18.39 -3.25
C ASN A 523 -14.73 17.63 -4.52
N PRO A 524 -15.45 17.87 -5.63
CA PRO A 524 -15.14 17.18 -6.89
C PRO A 524 -13.78 17.61 -7.43
N GLY A 525 -13.18 16.76 -8.24
CA GLY A 525 -11.89 17.09 -8.82
C GLY A 525 -10.69 16.78 -7.95
N HIS A 526 -10.33 17.71 -7.06
CA HIS A 526 -9.18 17.50 -6.19
C HIS A 526 -9.48 16.59 -5.00
N HIS A 527 -10.76 16.38 -4.72
CA HIS A 527 -11.21 15.47 -3.67
C HIS A 527 -10.85 15.79 -2.22
N TYR A 528 -10.46 17.04 -1.97
CA TYR A 528 -10.07 17.46 -0.62
C TYR A 528 -11.13 18.34 0.03
N GLY A 529 -11.58 17.96 1.22
CA GLY A 529 -12.55 18.78 1.92
C GLY A 529 -14.01 18.44 1.72
N PRO A 530 -14.88 18.93 2.62
CA PRO A 530 -16.32 18.70 2.60
C PRO A 530 -17.12 19.35 1.48
N ASN A 531 -18.05 18.56 0.94
CA ASN A 531 -18.96 18.98 -0.12
C ASN A 531 -19.91 17.79 -0.21
N VAL A 532 -20.90 17.77 0.68
CA VAL A 532 -21.83 16.65 0.74
C VAL A 532 -22.44 16.25 -0.59
N ASP A 533 -22.91 17.22 -1.38
CA ASP A 533 -23.51 16.92 -2.68
C ASP A 533 -22.52 17.01 -3.84
N GLY A 534 -21.23 17.09 -3.53
CA GLY A 534 -20.20 17.18 -4.56
C GLY A 534 -20.43 16.35 -5.83
N TYR A 535 -20.59 15.04 -5.66
CA TYR A 535 -20.81 14.15 -6.79
C TYR A 535 -22.20 13.53 -6.77
N GLU A 536 -23.08 14.08 -5.92
CA GLU A 536 -24.43 13.54 -5.76
C GLU A 536 -25.31 13.50 -7.02
N TYR A 537 -25.06 14.37 -7.98
CA TYR A 537 -25.83 14.35 -9.23
C TYR A 537 -24.90 14.18 -10.42
N SER A 538 -23.74 13.59 -10.16
CA SER A 538 -22.75 13.37 -11.22
C SER A 538 -23.00 12.04 -11.91
N HIS A 539 -22.14 11.73 -12.87
CA HIS A 539 -22.24 10.49 -13.63
C HIS A 539 -21.24 9.45 -13.13
N TRP A 540 -20.72 9.63 -11.92
CA TRP A 540 -19.74 8.70 -11.38
C TRP A 540 -20.29 7.56 -10.53
N GLY A 541 -21.61 7.53 -10.33
CA GLY A 541 -22.23 6.48 -9.55
C GLY A 541 -21.88 6.45 -8.08
N THR A 542 -21.56 7.62 -7.52
CA THR A 542 -21.20 7.75 -6.12
C THR A 542 -22.23 8.63 -5.42
N TYR A 543 -23.33 8.01 -4.99
CA TYR A 543 -24.43 8.73 -4.36
C TYR A 543 -24.78 8.27 -2.95
N HIS A 544 -25.34 9.20 -2.16
CA HIS A 544 -25.75 8.88 -0.79
C HIS A 544 -27.28 8.96 -0.66
N TYR A 545 -27.92 9.58 -1.65
CA TYR A 545 -29.38 9.71 -1.70
C TYR A 545 -30.02 10.38 -0.49
N ALA A 546 -29.31 11.28 0.16
CA ALA A 546 -29.87 11.97 1.31
C ALA A 546 -31.03 12.88 0.91
N ASP A 547 -32.11 12.80 1.68
CA ASP A 547 -33.26 13.67 1.46
C ASP A 547 -33.75 14.14 2.83
N ARG A 548 -34.90 14.79 2.89
CA ARG A 548 -35.38 15.30 4.17
C ARG A 548 -35.77 14.24 5.20
N ASP A 549 -35.90 12.99 4.77
CA ASP A 549 -36.30 11.91 5.69
C ASP A 549 -35.22 10.90 6.06
N GLY A 550 -34.29 10.65 5.14
CA GLY A 550 -33.26 9.67 5.41
C GLY A 550 -32.07 9.71 4.48
N ILE A 551 -31.25 8.68 4.55
CA ILE A 551 -30.02 8.63 3.76
C ILE A 551 -29.54 7.20 3.58
N GLY A 552 -28.73 6.98 2.55
CA GLY A 552 -28.19 5.65 2.33
C GLY A 552 -28.49 5.02 0.99
N VAL A 553 -27.67 4.05 0.62
CA VAL A 553 -27.83 3.34 -0.63
C VAL A 553 -28.45 1.97 -0.31
N ASP A 554 -29.60 1.68 -0.89
CA ASP A 554 -30.22 0.38 -0.65
C ASP A 554 -29.54 -0.65 -1.57
N ARG A 555 -28.64 -1.44 -1.01
CA ARG A 555 -27.92 -2.45 -1.78
C ARG A 555 -28.38 -3.86 -1.46
N THR A 556 -29.55 -3.96 -0.85
CA THR A 556 -30.12 -5.25 -0.48
C THR A 556 -30.71 -5.97 -1.67
N VAL A 557 -30.87 -7.27 -1.53
CA VAL A 557 -31.48 -8.08 -2.58
C VAL A 557 -32.98 -7.89 -2.53
N ALA A 558 -33.50 -7.87 -1.30
CA ALA A 558 -34.95 -7.71 -1.08
C ALA A 558 -35.55 -6.49 -1.75
N THR A 559 -34.90 -5.33 -1.61
CA THR A 559 -35.45 -4.11 -2.19
C THR A 559 -34.48 -3.22 -2.95
N GLY A 560 -33.19 -3.54 -2.90
CA GLY A 560 -32.20 -2.71 -3.57
C GLY A 560 -31.47 -3.25 -4.79
N THR A 561 -30.20 -2.85 -4.92
CA THR A 561 -29.37 -3.25 -6.06
C THR A 561 -28.96 -4.71 -6.06
N GLY A 562 -29.10 -5.38 -4.91
CA GLY A 562 -28.74 -6.78 -4.82
C GLY A 562 -27.24 -7.01 -4.68
N TYR A 563 -26.51 -5.96 -4.33
CA TYR A 563 -25.06 -6.04 -4.15
C TYR A 563 -24.65 -7.04 -3.06
N THR A 564 -25.45 -7.15 -2.00
CA THR A 564 -25.12 -8.07 -0.92
C THR A 564 -24.92 -9.51 -1.40
N ALA A 565 -25.62 -9.89 -2.46
CA ALA A 565 -25.52 -11.25 -2.99
C ALA A 565 -24.15 -11.57 -3.60
N GLN A 566 -23.29 -10.57 -3.75
CA GLN A 566 -21.97 -10.82 -4.33
C GLN A 566 -21.05 -11.46 -3.29
N TYR A 567 -21.39 -11.33 -2.01
CA TYR A 567 -20.62 -11.92 -0.93
C TYR A 567 -21.11 -13.35 -0.74
N PHE A 568 -20.34 -14.16 -0.04
CA PHE A 568 -20.77 -15.53 0.21
C PHE A 568 -21.89 -15.44 1.24
N PRO A 569 -22.75 -16.45 1.30
CA PRO A 569 -23.89 -16.50 2.23
C PRO A 569 -23.73 -15.87 3.62
N GLU A 570 -22.65 -16.21 4.32
CA GLU A 570 -22.46 -15.67 5.66
C GLU A 570 -22.40 -14.14 5.72
N ASN A 571 -21.59 -13.55 4.86
CA ASN A 571 -21.48 -12.10 4.86
C ASN A 571 -22.67 -11.45 4.17
N ALA A 572 -23.20 -12.11 3.14
CA ALA A 572 -24.36 -11.57 2.44
C ALA A 572 -25.51 -11.36 3.41
N ALA A 573 -25.76 -12.36 4.26
CA ALA A 573 -26.84 -12.30 5.24
C ALA A 573 -26.61 -11.19 6.26
N MET A 574 -25.37 -11.05 6.71
CA MET A 574 -25.02 -10.02 7.69
C MET A 574 -25.37 -8.62 7.21
N TYR A 575 -25.01 -8.32 5.97
CA TYR A 575 -25.28 -7.00 5.39
C TYR A 575 -26.71 -6.81 4.91
N GLU A 576 -27.33 -7.90 4.47
CA GLU A 576 -28.70 -7.88 3.95
C GLU A 576 -29.71 -7.43 5.00
N SER A 577 -29.52 -7.88 6.24
CA SER A 577 -30.42 -7.53 7.32
C SER A 577 -30.12 -6.16 7.94
N LEU A 578 -31.15 -5.35 8.06
CA LEU A 578 -31.03 -4.03 8.64
C LEU A 578 -30.63 -4.13 10.11
N ASP A 579 -31.05 -5.22 10.75
N ASP A 579 -31.05 -5.21 10.76
CA ASP A 579 -30.76 -5.46 12.15
CA ASP A 579 -30.74 -5.42 12.16
C ASP A 579 -29.35 -5.94 12.45
C ASP A 579 -29.33 -5.93 12.45
N THR A 580 -28.75 -6.70 11.53
CA THR A 580 -27.41 -7.23 11.73
C THR A 580 -26.31 -6.44 11.02
N CYS A 581 -26.69 -5.65 10.02
CA CYS A 581 -25.68 -4.88 9.29
C CYS A 581 -24.91 -4.00 10.28
N PRO A 582 -23.58 -4.11 10.29
CA PRO A 582 -22.75 -3.31 11.20
C PRO A 582 -23.02 -1.82 11.01
N ASP A 583 -22.99 -1.06 12.10
CA ASP A 583 -23.22 0.38 12.03
C ASP A 583 -22.25 1.06 11.06
N GLU A 584 -20.97 0.74 11.20
CA GLU A 584 -19.93 1.37 10.38
C GLU A 584 -20.10 1.26 8.87
N LEU A 585 -20.97 0.38 8.41
CA LEU A 585 -21.21 0.20 6.97
C LEU A 585 -22.69 0.34 6.63
N LEU A 586 -23.50 0.68 7.62
CA LEU A 586 -24.94 0.76 7.40
C LEU A 586 -25.40 1.54 6.18
N LEU A 587 -24.90 2.75 5.99
CA LEU A 587 -25.36 3.55 4.87
C LEU A 587 -24.85 3.10 3.51
N PHE A 588 -23.89 2.19 3.50
CA PHE A 588 -23.38 1.69 2.23
C PHE A 588 -24.35 0.61 1.74
N PHE A 589 -25.04 -0.04 2.68
CA PHE A 589 -25.94 -1.14 2.36
C PHE A 589 -27.44 -0.88 2.46
N HIS A 590 -27.84 0.08 3.29
CA HIS A 590 -29.26 0.39 3.49
C HIS A 590 -29.60 1.86 3.42
N HIS A 591 -30.79 2.17 2.94
CA HIS A 591 -31.27 3.54 2.91
C HIS A 591 -32.19 3.55 4.14
N VAL A 592 -31.88 4.40 5.12
CA VAL A 592 -32.68 4.44 6.34
C VAL A 592 -33.09 5.84 6.78
N PRO A 593 -34.14 5.93 7.63
CA PRO A 593 -34.59 7.23 8.12
C PRO A 593 -33.53 7.78 9.08
N TYR A 594 -33.47 9.10 9.21
CA TYR A 594 -32.52 9.71 10.12
C TYR A 594 -32.75 9.25 11.56
N THR A 595 -33.98 8.85 11.85
CA THR A 595 -34.34 8.40 13.18
C THR A 595 -34.04 6.93 13.45
N HIS A 596 -33.53 6.22 12.43
CA HIS A 596 -33.19 4.81 12.59
C HIS A 596 -32.19 4.66 13.74
N ARG A 597 -32.46 3.72 14.64
CA ARG A 597 -31.60 3.49 15.79
C ARG A 597 -30.47 2.50 15.51
N LEU A 598 -29.24 2.95 15.70
CA LEU A 598 -28.06 2.13 15.48
C LEU A 598 -27.78 1.20 16.66
N HIS A 599 -26.88 0.25 16.45
CA HIS A 599 -26.51 -0.69 17.51
C HIS A 599 -25.91 0.07 18.70
N SER A 600 -25.33 1.24 18.43
CA SER A 600 -24.73 2.06 19.47
C SER A 600 -25.81 2.75 20.31
N GLY A 601 -27.04 2.74 19.82
CA GLY A 601 -28.13 3.40 20.51
C GLY A 601 -28.40 4.79 19.93
N GLU A 602 -27.48 5.27 19.09
CA GLU A 602 -27.62 6.59 18.47
C GLU A 602 -28.55 6.52 17.28
N THR A 603 -29.30 7.59 17.04
CA THR A 603 -30.14 7.63 15.85
C THR A 603 -29.08 7.93 14.77
N VAL A 604 -29.40 7.67 13.51
CA VAL A 604 -28.44 7.95 12.45
C VAL A 604 -28.04 9.43 12.43
N ILE A 605 -29.03 10.32 12.51
CA ILE A 605 -28.73 11.75 12.49
C ILE A 605 -27.87 12.19 13.69
N GLN A 606 -28.19 11.70 14.89
CA GLN A 606 -27.40 12.10 16.05
C GLN A 606 -25.99 11.52 15.98
N HIS A 607 -25.85 10.36 15.36
CA HIS A 607 -24.54 9.76 15.21
C HIS A 607 -23.69 10.73 14.36
N ILE A 608 -24.29 11.23 13.29
CA ILE A 608 -23.58 12.17 12.43
C ILE A 608 -23.11 13.37 13.25
N TYR A 609 -24.01 13.99 14.00
CA TYR A 609 -23.61 15.15 14.80
C TYR A 609 -22.52 14.78 15.80
N ASN A 610 -22.73 13.69 16.53
CA ASN A 610 -21.75 13.24 17.53
C ASN A 610 -20.33 13.06 17.00
N THR A 611 -20.17 12.26 15.96
CA THR A 611 -18.83 11.99 15.44
C THR A 611 -18.17 13.22 14.85
N HIS A 612 -18.97 14.13 14.31
CA HIS A 612 -18.38 15.32 13.72
C HIS A 612 -17.95 16.34 14.77
N PHE A 613 -18.77 16.54 15.80
CA PHE A 613 -18.36 17.44 16.87
C PHE A 613 -17.19 16.81 17.63
N GLU A 614 -17.36 15.56 18.01
CA GLU A 614 -16.34 14.85 18.78
C GLU A 614 -15.05 14.56 18.01
N GLY A 615 -15.15 14.40 16.70
CA GLY A 615 -13.95 14.15 15.90
C GLY A 615 -13.01 15.35 15.93
N VAL A 616 -13.58 16.55 15.93
CA VAL A 616 -12.76 17.76 15.98
C VAL A 616 -12.05 17.86 17.32
N GLU A 617 -12.74 17.49 18.39
N GLU A 617 -12.75 17.47 18.38
CA GLU A 617 -12.14 17.54 19.71
CA GLU A 617 -12.19 17.50 19.73
C GLU A 617 -11.01 16.52 19.80
C GLU A 617 -11.01 16.52 19.80
N GLN A 618 -11.17 15.39 19.12
CA GLN A 618 -10.15 14.36 19.09
C GLN A 618 -8.93 14.84 18.31
N ALA A 619 -9.16 15.60 17.25
CA ALA A 619 -8.05 16.13 16.44
C ALA A 619 -7.28 17.15 17.28
N LYS A 620 -7.99 17.92 18.09
CA LYS A 620 -7.34 18.89 18.95
C LYS A 620 -6.45 18.15 19.95
N GLN A 621 -6.91 16.97 20.39
CA GLN A 621 -6.16 16.18 21.35
C GLN A 621 -4.88 15.63 20.68
N LEU A 622 -4.97 15.30 19.39
CA LEU A 622 -3.80 14.83 18.67
C LEU A 622 -2.71 15.89 18.75
N ARG A 623 -3.12 17.14 18.49
CA ARG A 623 -2.19 18.27 18.53
C ARG A 623 -1.64 18.50 19.93
N LYS A 624 -2.53 18.46 20.91
CA LYS A 624 -2.12 18.68 22.31
C LYS A 624 -1.06 17.67 22.73
N ARG A 625 -1.30 16.40 22.42
CA ARG A 625 -0.37 15.33 22.78
C ARG A 625 0.97 15.54 22.09
N TRP A 626 0.95 16.01 20.86
CA TRP A 626 2.20 16.24 20.13
C TRP A 626 2.98 17.38 20.78
N GLU A 627 2.28 18.45 21.13
CA GLU A 627 2.92 19.60 21.76
C GLU A 627 3.64 19.21 23.05
N GLN A 628 3.11 18.20 23.75
CA GLN A 628 3.71 17.76 24.99
C GLN A 628 5.04 17.05 24.77
N LEU A 629 5.38 16.80 23.50
CA LEU A 629 6.64 16.14 23.17
C LEU A 629 7.73 17.13 22.79
N LYS A 630 7.41 18.43 22.84
CA LYS A 630 8.39 19.44 22.50
C LYS A 630 9.62 19.25 23.36
N GLY A 631 10.80 19.33 22.74
CA GLY A 631 12.04 19.14 23.48
C GLY A 631 12.56 17.72 23.38
N LYS A 632 11.68 16.78 23.03
CA LYS A 632 12.07 15.37 22.90
C LYS A 632 12.15 14.96 21.43
N ILE A 633 11.91 15.92 20.54
CA ILE A 633 11.97 15.70 19.11
C ILE A 633 12.73 16.90 18.55
N ASP A 634 13.56 16.68 17.52
CA ASP A 634 14.32 17.79 16.95
C ASP A 634 13.34 18.87 16.50
N GLU A 635 13.72 20.12 16.66
CA GLU A 635 12.86 21.25 16.32
C GLU A 635 12.27 21.24 14.91
N LYS A 636 13.06 20.86 13.91
CA LYS A 636 12.58 20.83 12.54
C LYS A 636 11.36 19.93 12.37
N ARG A 637 11.49 18.66 12.75
CA ARG A 637 10.37 17.73 12.62
C ARG A 637 9.24 18.07 13.58
N TYR A 638 9.57 18.57 14.76
CA TYR A 638 8.53 18.94 15.72
C TYR A 638 7.61 19.97 15.08
N HIS A 639 8.18 21.02 14.51
CA HIS A 639 7.37 22.06 13.87
C HIS A 639 6.72 21.64 12.56
N ASP A 640 7.38 20.77 11.80
CA ASP A 640 6.80 20.30 10.54
C ASP A 640 5.47 19.62 10.83
N VAL A 641 5.49 18.74 11.83
CA VAL A 641 4.28 18.01 12.20
C VAL A 641 3.26 18.91 12.90
N LEU A 642 3.74 19.79 13.78
CA LEU A 642 2.83 20.69 14.48
C LEU A 642 2.06 21.54 13.46
N GLU A 643 2.76 22.00 12.43
CA GLU A 643 2.15 22.81 11.38
C GLU A 643 1.00 22.05 10.74
N ARG A 644 1.24 20.78 10.40
CA ARG A 644 0.23 19.94 9.77
C ARG A 644 -0.93 19.64 10.72
N LEU A 645 -0.62 19.42 12.00
CA LEU A 645 -1.67 19.15 12.97
C LEU A 645 -2.59 20.36 13.14
N THR A 646 -2.04 21.56 13.04
CA THR A 646 -2.86 22.75 13.16
C THR A 646 -3.73 22.89 11.91
N ILE A 647 -3.16 22.58 10.76
CA ILE A 647 -3.92 22.63 9.52
C ILE A 647 -5.07 21.64 9.65
N GLN A 648 -4.78 20.45 10.19
CA GLN A 648 -5.80 19.42 10.37
C GLN A 648 -6.94 19.90 11.26
N VAL A 649 -6.59 20.50 12.39
CA VAL A 649 -7.61 20.98 13.32
C VAL A 649 -8.53 22.00 12.65
N GLU A 650 -7.95 22.96 11.94
CA GLU A 650 -8.75 23.99 11.29
C GLU A 650 -9.63 23.43 10.19
N HIS A 651 -9.12 22.47 9.43
CA HIS A 651 -9.90 21.89 8.35
C HIS A 651 -10.98 20.96 8.92
N ALA A 652 -10.68 20.30 10.04
CA ALA A 652 -11.63 19.40 10.67
C ALA A 652 -12.86 20.19 11.10
N LYS A 653 -12.64 21.43 11.54
CA LYS A 653 -13.75 22.31 11.93
C LYS A 653 -14.66 22.58 10.74
N GLU A 654 -14.06 22.69 9.55
CA GLU A 654 -14.83 22.94 8.34
C GLU A 654 -15.65 21.68 8.01
N TRP A 655 -15.02 20.51 8.09
CA TRP A 655 -15.70 19.24 7.84
C TRP A 655 -16.91 19.12 8.77
N ARG A 656 -16.66 19.34 10.05
CA ARG A 656 -17.69 19.26 11.08
C ARG A 656 -18.88 20.16 10.80
N ASP A 657 -18.63 21.44 10.60
CA ASP A 657 -19.71 22.38 10.38
C ASP A 657 -20.45 22.20 9.06
N VAL A 658 -19.72 21.95 7.97
CA VAL A 658 -20.38 21.76 6.69
C VAL A 658 -21.33 20.56 6.74
N ILE A 659 -20.83 19.42 7.23
CA ILE A 659 -21.67 18.24 7.31
C ILE A 659 -22.84 18.41 8.28
N ASN A 660 -22.57 18.96 9.47
CA ASN A 660 -23.64 19.16 10.43
C ASN A 660 -24.73 20.08 9.89
N THR A 661 -24.31 21.20 9.29
CA THR A 661 -25.29 22.14 8.74
C THR A 661 -26.08 21.52 7.59
N TYR A 662 -25.40 20.79 6.72
CA TYR A 662 -26.09 20.16 5.60
C TYR A 662 -27.19 19.23 6.11
N PHE A 663 -26.87 18.43 7.11
CA PHE A 663 -27.86 17.50 7.63
C PHE A 663 -28.90 18.13 8.53
N TYR A 664 -28.57 19.26 9.14
CA TYR A 664 -29.59 19.94 9.94
C TYR A 664 -30.55 20.58 8.94
N ARG A 665 -30.00 21.19 7.89
CA ARG A 665 -30.84 21.82 6.89
C ARG A 665 -31.78 20.82 6.22
N LYS A 666 -31.32 19.59 6.07
CA LYS A 666 -32.15 18.57 5.43
C LYS A 666 -33.06 17.80 6.40
N SER A 667 -32.52 17.42 7.56
CA SER A 667 -33.30 16.66 8.53
C SER A 667 -34.21 17.50 9.43
N GLY A 668 -33.76 18.72 9.74
CA GLY A 668 -34.54 19.58 10.62
C GLY A 668 -34.45 19.13 12.07
N ILE A 669 -33.62 18.13 12.33
CA ILE A 669 -33.43 17.59 13.67
C ILE A 669 -32.21 18.22 14.32
N ASP A 670 -32.42 18.84 15.49
N ASP A 670 -32.41 18.87 15.47
CA ASP A 670 -31.36 19.51 16.21
CA ASP A 670 -31.29 19.53 16.14
C ASP A 670 -30.42 18.54 16.94
C ASP A 670 -30.40 18.55 16.89
N ASP A 671 -29.23 19.04 17.29
CA ASP A 671 -28.26 18.25 18.01
C ASP A 671 -28.78 18.02 19.43
N GLN A 672 -28.78 16.75 19.85
CA GLN A 672 -29.24 16.34 21.17
C GLN A 672 -28.57 17.16 22.29
N TYR A 673 -27.29 17.45 22.09
CA TYR A 673 -26.50 18.17 23.08
C TYR A 673 -26.42 19.69 22.94
N GLY A 674 -27.20 20.23 22.01
CA GLY A 674 -27.22 21.68 21.81
C GLY A 674 -25.92 22.34 21.39
N ARG A 675 -25.06 21.59 20.72
CA ARG A 675 -23.79 22.15 20.27
C ARG A 675 -24.02 23.04 19.04
N LYS A 676 -23.06 23.92 18.76
CA LYS A 676 -23.20 24.87 17.68
C LYS A 676 -23.27 24.34 16.26
N ILE A 677 -24.45 24.49 15.66
CA ILE A 677 -24.66 24.12 14.27
C ILE A 677 -25.11 25.42 13.59
N TYR A 678 -24.37 25.85 12.59
CA TYR A 678 -24.72 27.08 11.89
C TYR A 678 -25.93 26.84 10.98
N ARG A 679 -26.96 27.65 11.20
CA ARG A 679 -28.23 27.58 10.46
C ARG A 679 -28.10 27.41 8.95
#